data_8K7L
#
_entry.id   8K7L
#
_cell.length_a   90.104
_cell.length_b   90.104
_cell.length_c   215.855
_cell.angle_alpha   90.000
_cell.angle_beta   90.000
_cell.angle_gamma   120.000
#
_symmetry.space_group_name_H-M   'P 32 2 1'
#
loop_
_entity.id
_entity.type
_entity.pdbx_description
1 polymer 'Alpha-galactosidase A'
2 branched alpha-D-mannopyranose-(1-3)-beta-D-mannopyranose-(1-4)-2-acetamido-2-deoxy-beta-D-glucopyranose-(1-4)-2-acetamido-2-deoxy-beta-D-glucopyranose
3 branched 2-acetamido-2-deoxy-beta-D-glucopyranose-(1-4)-2-acetamido-2-deoxy-beta-D-glucopyranose
4 non-polymer 2-acetamido-2-deoxy-beta-D-glucopyranose
5 non-polymer (2~{R},3~{R},4~{S},5~{R})-2-(aminomethyl)-5-(hydroxymethyl)-1-methyl-pyrrolidine-3,4-diol
6 non-polymer 'SULFATE ION'
7 non-polymer GLYCEROL
8 water water
#
_entity_poly.entity_id   1
_entity_poly.type   'polypeptide(L)'
_entity_poly.pdbx_seq_one_letter_code
;LDNGLARTPTMGWLHWERFMCNLDCQEEPDSCISEKLFMEMAELMVSEGWKDAGYEYLCIDDCWMAPQRDSEGRLQADPQ
RFPHGIRQLANYVHSKGLKLGIYADVGNKTCAGFPGSFGYYDIDAQTFADWGVDLLKFDGCYCDSLENLADGYKHMSLAL
NRTGRSIVYSCEWPLYMWPFQKPNYTEIRQYCNHWRNFADIDDSWKSIKSILDWTSFNQERIVDVAGPGGWNDPDMLVIG
NFGLSWNQQVTQMALWAIMAAPLFMSNDLRHISPQAKALLQDKDVIAINQDPLGKQGYQLRQGDNFEVWERPLSGLAWAV
AMINRQEIGGPRSYTIAVASLGKGVACNPACFITQLLPVKRKLGFYEWTSRLRSHINPTGTVLLQLENTMQMSLKDLL
;
_entity_poly.pdbx_strand_id   A,B
#
loop_
_chem_comp.id
_chem_comp.type
_chem_comp.name
_chem_comp.formula
BMA D-saccharide, beta linking beta-D-mannopyranose 'C6 H12 O6'
GOL non-polymer GLYCEROL 'C3 H8 O3'
MAN D-saccharide, alpha linking alpha-D-mannopyranose 'C6 H12 O6'
NAG D-saccharide, beta linking 2-acetamido-2-deoxy-beta-D-glucopyranose 'C8 H15 N O6'
SO4 non-polymer 'SULFATE ION' 'O4 S -2'
VO0 non-polymer (2~{R},3~{R},4~{S},5~{R})-2-(aminomethyl)-5-(hydroxymethyl)-1-methyl-pyrrolidine-3,4-diol 'C7 H16 N2 O3'
#
# COMPACT_ATOMS: atom_id res chain seq x y z
N LEU A 1 14.47 19.79 25.68
CA LEU A 1 14.09 21.09 26.21
C LEU A 1 13.48 20.95 27.61
N ASP A 2 14.11 21.59 28.58
CA ASP A 2 13.72 21.46 29.99
C ASP A 2 12.66 22.50 30.34
N ASN A 3 11.49 22.35 29.71
CA ASN A 3 10.36 23.22 29.99
C ASN A 3 9.24 22.48 30.69
N GLY A 4 9.49 21.26 31.17
CA GLY A 4 8.47 20.46 31.82
C GLY A 4 7.47 19.83 30.88
N LEU A 5 7.60 20.02 29.58
CA LEU A 5 6.64 19.50 28.62
C LEU A 5 7.24 18.32 27.87
N ALA A 6 6.37 17.58 27.19
CA ALA A 6 6.77 16.43 26.38
C ALA A 6 7.60 15.44 27.20
N ARG A 7 7.21 15.25 28.46
CA ARG A 7 7.86 14.22 29.27
C ARG A 7 7.63 12.83 28.70
N THR A 8 6.55 12.66 27.94
CA THR A 8 6.34 11.55 27.02
C THR A 8 6.13 12.14 25.63
N PRO A 9 6.32 11.36 24.57
CA PRO A 9 6.12 11.90 23.22
C PRO A 9 4.75 12.56 23.07
N THR A 10 4.74 13.75 22.47
CA THR A 10 3.50 14.48 22.28
C THR A 10 2.54 13.70 21.41
N MET A 11 1.25 13.71 21.77
CA MET A 11 0.21 13.04 21.00
C MET A 11 -0.84 14.06 20.57
N GLY A 12 -1.26 13.97 19.32
CA GLY A 12 -2.32 14.83 18.83
C GLY A 12 -2.64 14.63 17.37
N TRP A 13 -3.07 15.71 16.71
CA TRP A 13 -3.52 15.70 15.33
C TRP A 13 -2.96 16.94 14.64
N LEU A 14 -2.54 16.78 13.39
CA LEU A 14 -1.87 17.83 12.62
C LEU A 14 -2.36 17.75 11.18
N HIS A 15 -2.76 18.90 10.60
CA HIS A 15 -3.55 18.83 9.37
C HIS A 15 -2.73 18.56 8.11
N TRP A 16 -1.40 18.69 8.15
CA TRP A 16 -0.64 18.93 6.92
C TRP A 16 -0.77 17.79 5.91
N GLU A 17 -0.49 16.54 6.30
CA GLU A 17 -0.44 15.48 5.31
C GLU A 17 -1.77 15.31 4.59
N ARG A 18 -2.87 15.25 5.35
CA ARG A 18 -4.17 14.94 4.74
C ARG A 18 -4.80 16.15 4.05
N PHE A 19 -4.64 17.35 4.61
CA PHE A 19 -5.35 18.52 4.10
C PHE A 19 -4.46 19.56 3.43
N MET A 20 -3.16 19.57 3.71
CA MET A 20 -2.13 20.32 2.96
C MET A 20 -2.46 21.82 2.99
N CYS A 21 -2.33 22.52 1.86
CA CYS A 21 -2.55 23.96 1.82
C CYS A 21 -3.77 24.26 0.96
N ASN A 22 -4.89 23.64 1.27
CA ASN A 22 -6.12 23.83 0.52
C ASN A 22 -6.77 25.14 0.96
N LEU A 23 -6.74 26.14 0.09
CA LEU A 23 -7.33 27.44 0.38
C LEU A 23 -8.65 27.67 -0.33
N ASP A 24 -9.16 26.66 -1.03
CA ASP A 24 -10.35 26.80 -1.86
C ASP A 24 -11.60 26.44 -1.04
N CYS A 25 -11.96 27.35 -0.14
CA CYS A 25 -13.15 27.13 0.67
C CYS A 25 -14.44 27.28 -0.14
N GLN A 26 -14.37 27.92 -1.30
CA GLN A 26 -15.57 28.08 -2.11
C GLN A 26 -15.98 26.77 -2.77
N GLU A 27 -15.01 26.05 -3.34
CA GLU A 27 -15.29 24.79 -4.01
C GLU A 27 -15.10 23.58 -3.10
N GLU A 28 -14.24 23.70 -2.08
CA GLU A 28 -13.95 22.60 -1.15
C GLU A 28 -14.13 23.06 0.29
N PRO A 29 -15.33 23.50 0.66
CA PRO A 29 -15.50 24.09 2.00
C PRO A 29 -15.18 23.15 3.15
N ASP A 30 -15.42 21.86 3.00
CA ASP A 30 -15.20 20.90 4.08
C ASP A 30 -13.75 20.41 4.17
N SER A 31 -12.90 20.76 3.21
CA SER A 31 -11.51 20.32 3.22
C SER A 31 -10.51 21.45 3.22
N CYS A 32 -10.95 22.70 3.09
CA CYS A 32 -10.03 23.82 3.10
C CYS A 32 -9.54 24.08 4.52
N ILE A 33 -8.39 24.76 4.62
CA ILE A 33 -7.77 25.05 5.92
C ILE A 33 -8.57 26.19 6.54
N SER A 34 -9.44 25.87 7.48
CA SER A 34 -10.36 26.84 8.04
C SER A 34 -10.60 26.55 9.52
N GLU A 35 -11.10 27.55 10.24
CA GLU A 35 -11.41 27.33 11.65
C GLU A 35 -12.49 26.27 11.82
N LYS A 36 -13.39 26.13 10.84
CA LYS A 36 -14.42 25.10 10.92
C LYS A 36 -13.83 23.70 10.91
N LEU A 37 -12.81 23.48 10.08
CA LEU A 37 -12.13 22.19 10.05
C LEU A 37 -11.58 21.81 11.43
N PHE A 38 -10.87 22.75 12.05
CA PHE A 38 -10.25 22.46 13.34
C PHE A 38 -11.30 22.31 14.45
N MET A 39 -12.39 23.08 14.38
CA MET A 39 -13.48 22.89 15.35
C MET A 39 -14.10 21.50 15.22
N GLU A 40 -14.32 21.03 13.99
CA GLU A 40 -14.88 19.70 13.80
C GLU A 40 -13.92 18.63 14.33
N MET A 41 -12.62 18.79 14.06
CA MET A 41 -11.66 17.82 14.56
C MET A 41 -11.62 17.81 16.08
N ALA A 42 -11.69 18.98 16.73
CA ALA A 42 -11.71 19.00 18.19
C ALA A 42 -12.95 18.30 18.74
N GLU A 43 -14.11 18.58 18.12
CA GLU A 43 -15.34 17.91 18.53
C GLU A 43 -15.19 16.39 18.47
N LEU A 44 -14.66 15.88 17.36
CA LEU A 44 -14.52 14.43 17.23
C LEU A 44 -13.42 13.86 18.12
N MET A 45 -12.34 14.62 18.36
CA MET A 45 -11.32 14.17 19.28
C MET A 45 -11.91 13.92 20.65
N VAL A 46 -12.88 14.73 21.06
CA VAL A 46 -13.59 14.44 22.30
C VAL A 46 -14.55 13.27 22.13
N SER A 47 -15.47 13.38 21.17
CA SER A 47 -16.61 12.46 21.12
C SER A 47 -16.22 11.05 20.69
N GLU A 48 -15.14 10.87 19.94
CA GLU A 48 -14.80 9.57 19.39
C GLU A 48 -13.66 8.88 20.14
N GLY A 49 -13.32 9.35 21.34
CA GLY A 49 -12.36 8.64 22.18
C GLY A 49 -10.91 8.97 21.96
N TRP A 50 -10.58 9.91 21.06
CA TRP A 50 -9.18 10.23 20.80
C TRP A 50 -8.52 10.87 22.02
N LYS A 51 -9.19 11.84 22.64
CA LYS A 51 -8.66 12.48 23.84
C LYS A 51 -8.42 11.47 24.95
N ASP A 52 -9.38 10.57 25.17
CA ASP A 52 -9.22 9.54 26.19
C ASP A 52 -8.04 8.64 25.91
N ALA A 53 -7.76 8.38 24.62
CA ALA A 53 -6.62 7.54 24.28
C ALA A 53 -5.29 8.27 24.46
N GLY A 54 -5.32 9.60 24.58
CA GLY A 54 -4.13 10.39 24.83
C GLY A 54 -3.84 11.46 23.80
N TYR A 55 -4.55 11.49 22.67
CA TYR A 55 -4.31 12.50 21.65
C TYR A 55 -4.87 13.85 22.12
N GLU A 56 -3.98 14.77 22.44
CA GLU A 56 -4.31 15.97 23.19
C GLU A 56 -4.07 17.27 22.41
N TYR A 57 -3.10 17.30 21.51
CA TYR A 57 -2.74 18.54 20.81
C TYR A 57 -3.40 18.57 19.43
N LEU A 58 -4.31 19.51 19.24
CA LEU A 58 -4.91 19.80 17.94
C LEU A 58 -4.09 20.88 17.26
N CYS A 59 -3.42 20.55 16.17
CA CYS A 59 -2.34 21.39 15.65
C CYS A 59 -2.65 21.91 14.24
N ILE A 60 -2.48 23.22 14.08
CA ILE A 60 -2.54 23.88 12.79
C ILE A 60 -1.15 23.87 12.17
N ASP A 61 -1.07 23.49 10.90
CA ASP A 61 0.20 23.56 10.17
C ASP A 61 0.21 24.82 9.31
N ASP A 62 0.97 24.80 8.22
CA ASP A 62 1.11 25.97 7.36
C ASP A 62 -0.24 26.35 6.75
N CYS A 63 -0.33 27.60 6.28
CA CYS A 63 -1.45 28.16 5.52
C CYS A 63 -2.64 28.54 6.40
N TRP A 64 -2.38 29.02 7.61
CA TRP A 64 -3.43 29.65 8.42
C TRP A 64 -3.34 31.17 8.40
N MET A 65 -2.25 31.73 7.90
CA MET A 65 -1.97 33.16 8.06
C MET A 65 -2.67 33.99 6.99
N ALA A 66 -2.97 35.23 7.36
CA ALA A 66 -3.26 36.26 6.37
C ALA A 66 -1.97 36.57 5.59
N PRO A 67 -2.09 37.18 4.41
CA PRO A 67 -0.89 37.44 3.61
C PRO A 67 0.08 38.46 4.21
N GLN A 68 -0.37 39.31 5.15
CA GLN A 68 0.49 40.31 5.77
C GLN A 68 0.18 40.41 7.25
N ARG A 69 1.11 41.01 7.99
CA ARG A 69 0.98 41.26 9.42
C ARG A 69 0.06 42.47 9.69
N ASP A 70 -0.29 42.66 10.96
CA ASP A 70 -1.16 43.76 11.36
C ASP A 70 -0.37 45.07 11.42
N SER A 71 -1.01 46.13 11.88
CA SER A 71 -0.36 47.44 11.93
C SER A 71 0.83 47.43 12.87
N GLU A 72 0.70 46.77 14.03
CA GLU A 72 1.82 46.65 14.97
C GLU A 72 2.80 45.53 14.59
N GLY A 73 2.76 45.08 13.33
CA GLY A 73 3.66 44.03 12.86
C GLY A 73 3.44 42.66 13.45
N ARG A 74 2.21 42.32 13.83
CA ARG A 74 1.90 41.01 14.39
C ARG A 74 1.22 40.12 13.36
N LEU A 75 1.50 38.83 13.46
CA LEU A 75 0.83 37.85 12.61
C LEU A 75 -0.67 37.91 12.81
N GLN A 76 -1.41 37.62 11.74
CA GLN A 76 -2.85 37.51 11.82
C GLN A 76 -3.28 36.27 11.05
N ALA A 77 -4.34 35.63 11.54
CA ALA A 77 -4.96 34.54 10.80
C ALA A 77 -5.75 35.10 9.63
N ASP A 78 -5.96 34.27 8.62
CA ASP A 78 -6.70 34.70 7.45
C ASP A 78 -8.10 35.15 7.84
N PRO A 79 -8.52 36.37 7.46
CA PRO A 79 -9.82 36.87 7.92
C PRO A 79 -11.02 36.10 7.39
N GLN A 80 -10.89 35.48 6.20
CA GLN A 80 -11.99 34.71 5.64
C GLN A 80 -12.06 33.29 6.18
N ARG A 81 -10.92 32.62 6.31
CA ARG A 81 -10.91 31.22 6.72
C ARG A 81 -10.86 31.05 8.23
N PHE A 82 -10.34 32.04 8.94
CA PHE A 82 -10.30 32.05 10.40
C PHE A 82 -10.93 33.34 10.93
N PRO A 83 -12.21 33.57 10.64
CA PRO A 83 -12.80 34.89 10.94
C PRO A 83 -12.80 35.25 12.41
N HIS A 84 -12.87 34.28 13.32
CA HIS A 84 -12.90 34.59 14.74
C HIS A 84 -11.51 34.68 15.37
N GLY A 85 -10.45 34.34 14.65
CA GLY A 85 -9.11 34.51 15.16
C GLY A 85 -8.64 33.34 16.02
N ILE A 86 -7.32 33.25 16.16
CA ILE A 86 -6.71 32.09 16.83
C ILE A 86 -7.05 32.05 18.31
N ARG A 87 -7.17 33.20 18.98
CA ARG A 87 -7.41 33.17 20.43
C ARG A 87 -8.76 32.54 20.73
N GLN A 88 -9.77 32.84 19.92
CA GLN A 88 -11.09 32.25 20.08
C GLN A 88 -11.07 30.74 19.80
N LEU A 89 -10.36 30.34 18.74
CA LEU A 89 -10.23 28.92 18.44
C LEU A 89 -9.55 28.18 19.58
N ALA A 90 -8.51 28.77 20.14
CA ALA A 90 -7.83 28.19 21.29
C ALA A 90 -8.78 28.08 22.48
N ASN A 91 -9.60 29.11 22.71
CA ASN A 91 -10.60 29.04 23.77
C ASN A 91 -11.52 27.84 23.59
N TYR A 92 -12.00 27.63 22.37
CA TYR A 92 -12.87 26.50 22.08
C TYR A 92 -12.15 25.18 22.35
N VAL A 93 -10.93 25.05 21.81
CA VAL A 93 -10.15 23.83 21.97
C VAL A 93 -9.91 23.54 23.45
N HIS A 94 -9.55 24.57 24.21
CA HIS A 94 -9.37 24.44 25.65
C HIS A 94 -10.66 24.03 26.36
N SER A 95 -11.79 24.60 25.93
CA SER A 95 -13.07 24.21 26.53
C SER A 95 -13.35 22.73 26.30
N LYS A 96 -12.78 22.16 25.26
CA LYS A 96 -12.91 20.71 25.04
C LYS A 96 -11.91 19.90 25.86
N GLY A 97 -11.06 20.54 26.64
CA GLY A 97 -10.01 19.82 27.36
C GLY A 97 -8.79 19.52 26.52
N LEU A 98 -8.66 20.14 25.35
CA LEU A 98 -7.58 19.89 24.42
C LEU A 98 -6.62 21.07 24.41
N LYS A 99 -5.50 20.90 23.70
CA LYS A 99 -4.50 21.93 23.54
C LYS A 99 -4.33 22.26 22.05
N LEU A 100 -3.93 23.49 21.77
CA LEU A 100 -3.87 24.00 20.41
C LEU A 100 -2.42 24.23 19.98
N GLY A 101 -2.06 23.67 18.83
CA GLY A 101 -0.75 23.90 18.23
C GLY A 101 -0.86 24.79 17.01
N ILE A 102 0.18 25.59 16.76
CA ILE A 102 0.22 26.49 15.62
C ILE A 102 1.57 26.32 14.91
N TYR A 103 1.71 27.02 13.79
CA TYR A 103 2.85 26.86 12.89
C TYR A 103 3.45 28.22 12.55
N ALA A 104 4.78 28.26 12.45
CA ALA A 104 5.50 29.43 11.97
C ALA A 104 6.81 28.96 11.35
N ASP A 105 7.57 29.89 10.78
CA ASP A 105 8.78 29.56 10.05
C ASP A 105 9.92 30.46 10.50
N VAL A 106 11.12 29.86 10.62
CA VAL A 106 12.28 30.57 11.16
C VAL A 106 12.76 31.65 10.20
N GLY A 107 12.49 31.50 8.91
CA GLY A 107 13.03 32.37 7.89
C GLY A 107 12.13 33.54 7.55
N ASN A 108 12.28 34.01 6.31
CA ASN A 108 11.54 35.19 5.87
C ASN A 108 10.13 34.88 5.41
N LYS A 109 9.84 33.63 5.04
CA LYS A 109 8.50 33.22 4.64
C LYS A 109 8.28 31.79 5.10
N THR A 110 7.01 31.42 5.28
CA THR A 110 6.71 30.01 5.44
C THR A 110 6.95 29.27 4.13
N CYS A 111 7.02 27.94 4.23
CA CYS A 111 7.28 27.15 3.02
C CYS A 111 6.21 27.39 1.96
N ALA A 112 4.99 27.73 2.36
CA ALA A 112 3.93 28.02 1.40
C ALA A 112 3.88 29.49 0.98
N GLY A 113 4.77 30.33 1.52
CA GLY A 113 4.87 31.70 1.07
C GLY A 113 4.21 32.74 1.95
N PHE A 114 3.77 32.36 3.15
CA PHE A 114 3.14 33.30 4.07
C PHE A 114 4.20 33.92 4.98
N PRO A 115 3.84 34.93 5.78
CA PRO A 115 4.87 35.67 6.54
C PRO A 115 5.74 34.77 7.42
N GLY A 116 7.07 34.93 7.24
CA GLY A 116 8.03 34.31 8.13
C GLY A 116 8.22 35.09 9.42
N SER A 117 8.96 34.48 10.34
CA SER A 117 9.14 35.06 11.66
C SER A 117 10.51 35.71 11.87
N PHE A 118 11.40 35.64 10.87
CA PHE A 118 12.68 36.31 10.98
C PHE A 118 12.46 37.81 11.21
N GLY A 119 13.12 38.34 12.24
CA GLY A 119 12.93 39.72 12.64
C GLY A 119 11.76 39.95 13.58
N TYR A 120 10.98 38.91 13.88
CA TYR A 120 9.79 39.03 14.72
C TYR A 120 9.71 37.94 15.78
N TYR A 121 10.83 37.29 16.10
CA TYR A 121 10.80 36.12 16.98
C TYR A 121 10.11 36.43 18.30
N ASP A 122 10.52 37.52 18.97
CA ASP A 122 9.94 37.85 20.27
C ASP A 122 8.47 38.28 20.13
N ILE A 123 8.18 39.10 19.13
CA ILE A 123 6.81 39.51 18.84
C ILE A 123 5.93 38.28 18.60
N ASP A 124 6.40 37.36 17.76
CA ASP A 124 5.59 36.20 17.41
C ASP A 124 5.39 35.29 18.60
N ALA A 125 6.44 35.09 19.42
CA ALA A 125 6.30 34.27 20.61
C ALA A 125 5.28 34.86 21.57
N GLN A 126 5.37 36.17 21.83
CA GLN A 126 4.43 36.81 22.74
C GLN A 126 3.00 36.78 22.18
N THR A 127 2.86 36.93 20.86
CA THR A 127 1.56 36.81 20.22
C THR A 127 0.96 35.42 20.43
N PHE A 128 1.74 34.38 20.16
CA PHE A 128 1.25 33.02 20.36
C PHE A 128 0.84 32.79 21.81
N ALA A 129 1.63 33.29 22.76
CA ALA A 129 1.29 33.12 24.17
C ALA A 129 -0.02 33.85 24.51
N ASP A 130 -0.16 35.09 24.03
CA ASP A 130 -1.40 35.85 24.24
C ASP A 130 -2.60 35.12 23.67
N TRP A 131 -2.44 34.46 22.52
CA TRP A 131 -3.53 33.73 21.91
C TRP A 131 -3.91 32.48 22.70
N GLY A 132 -3.05 32.01 23.58
CA GLY A 132 -3.29 30.76 24.27
C GLY A 132 -2.75 29.54 23.55
N VAL A 133 -1.80 29.73 22.63
CA VAL A 133 -1.18 28.61 21.93
C VAL A 133 -0.43 27.74 22.91
N ASP A 134 -0.50 26.42 22.70
CA ASP A 134 0.16 25.45 23.57
C ASP A 134 1.31 24.70 22.90
N LEU A 135 1.48 24.86 21.59
CA LEU A 135 2.54 24.17 20.85
C LEU A 135 2.86 24.99 19.61
N LEU A 136 4.15 25.05 19.27
CA LEU A 136 4.60 25.72 18.05
C LEU A 136 5.44 24.76 17.22
N LYS A 137 5.02 24.52 15.98
CA LYS A 137 5.86 23.87 14.99
C LYS A 137 6.58 24.94 14.17
N PHE A 138 7.91 24.83 14.10
CA PHE A 138 8.75 25.90 13.57
C PHE A 138 9.52 25.36 12.37
N ASP A 139 9.11 25.78 11.17
CA ASP A 139 9.61 25.30 9.90
C ASP A 139 10.86 26.07 9.47
N GLY A 140 11.56 25.56 8.48
CA GLY A 140 12.87 26.12 8.15
C GLY A 140 13.05 26.70 6.75
N CYS A 141 11.97 26.96 6.03
CA CYS A 141 12.10 27.49 4.68
C CYS A 141 12.57 28.95 4.68
N TYR A 142 13.12 29.35 3.54
CA TYR A 142 13.47 30.75 3.27
C TYR A 142 14.43 31.31 4.33
N CYS A 143 15.48 30.54 4.60
CA CYS A 143 16.54 30.90 5.54
C CYS A 143 17.86 30.86 4.80
N ASP A 144 18.51 32.02 4.69
CA ASP A 144 19.65 32.14 3.79
C ASP A 144 20.96 31.56 4.34
N SER A 145 21.04 31.26 5.63
CA SER A 145 22.33 30.82 6.18
C SER A 145 22.12 29.80 7.28
N LEU A 146 23.13 28.94 7.46
CA LEU A 146 23.12 27.99 8.57
C LEU A 146 23.17 28.71 9.91
N GLU A 147 23.92 29.82 9.96
CA GLU A 147 23.97 30.62 11.18
C GLU A 147 22.61 31.23 11.50
N ASN A 148 21.91 31.75 10.48
CA ASN A 148 20.58 32.27 10.73
C ASN A 148 19.61 31.17 11.14
N LEU A 149 19.75 29.97 10.57
CA LEU A 149 18.89 28.85 10.96
C LEU A 149 19.07 28.52 12.45
N ALA A 150 20.31 28.25 12.85
CA ALA A 150 20.57 27.90 14.25
C ALA A 150 20.17 29.04 15.19
N ASP A 151 20.58 30.26 14.86
CA ASP A 151 20.26 31.41 15.70
C ASP A 151 18.75 31.60 15.82
N GLY A 152 18.02 31.43 14.71
CA GLY A 152 16.58 31.58 14.77
C GLY A 152 15.91 30.54 15.64
N TYR A 153 16.31 29.26 15.49
CA TYR A 153 15.71 28.22 16.32
C TYR A 153 15.97 28.47 17.80
N LYS A 154 17.22 28.84 18.15
CA LYS A 154 17.53 29.10 19.56
C LYS A 154 16.80 30.34 20.08
N HIS A 155 16.78 31.41 19.28
CA HIS A 155 16.09 32.63 19.69
C HIS A 155 14.61 32.38 19.93
N MET A 156 13.95 31.65 19.04
CA MET A 156 12.53 31.37 19.23
C MET A 156 12.32 30.52 20.48
N SER A 157 13.21 29.54 20.73
CA SER A 157 13.12 28.78 21.98
C SER A 157 13.15 29.71 23.19
N LEU A 158 14.10 30.65 23.20
CA LEU A 158 14.23 31.56 24.34
C LEU A 158 13.03 32.49 24.45
N ALA A 159 12.56 33.03 23.34
CA ALA A 159 11.39 33.93 23.36
C ALA A 159 10.17 33.22 23.92
N LEU A 160 9.93 31.99 23.45
CA LEU A 160 8.82 31.21 24.01
C LEU A 160 8.99 31.07 25.52
N ASN A 161 10.21 30.72 25.96
CA ASN A 161 10.44 30.63 27.41
C ASN A 161 10.07 31.93 28.11
N ARG A 162 10.47 33.08 27.55
CA ARG A 162 10.27 34.36 28.21
C ARG A 162 8.81 34.76 28.28
N THR A 163 7.95 34.24 27.39
CA THR A 163 6.53 34.55 27.53
C THR A 163 5.95 34.04 28.85
N GLY A 164 6.60 33.05 29.48
CA GLY A 164 6.06 32.42 30.67
C GLY A 164 4.98 31.39 30.45
N ARG A 165 4.53 31.19 29.20
CA ARG A 165 3.53 30.18 28.91
C ARG A 165 4.22 28.89 28.48
N SER A 166 3.70 27.76 28.97
CA SER A 166 4.19 26.44 28.57
C SER A 166 3.78 26.15 27.13
N ILE A 167 4.74 26.09 26.22
CA ILE A 167 4.47 25.87 24.80
C ILE A 167 5.43 24.80 24.29
N VAL A 168 4.88 23.65 23.88
CA VAL A 168 5.69 22.62 23.25
C VAL A 168 6.33 23.20 22.00
N TYR A 169 7.63 22.97 21.84
CA TYR A 169 8.41 23.57 20.76
C TYR A 169 8.90 22.46 19.84
N SER A 170 8.32 22.40 18.64
CA SER A 170 8.62 21.37 17.66
C SER A 170 9.44 22.00 16.54
N CYS A 171 10.63 21.45 16.27
CA CYS A 171 11.62 22.08 15.41
C CYS A 171 11.89 21.23 14.18
N GLU A 172 12.12 21.88 13.03
CA GLU A 172 12.60 21.20 11.83
C GLU A 172 14.08 21.47 11.58
N TRP A 173 14.77 22.07 12.53
CA TRP A 173 16.19 22.44 12.51
C TRP A 173 17.09 21.34 11.93
N PRO A 174 17.09 20.10 12.45
CA PRO A 174 17.98 19.08 11.89
C PRO A 174 17.72 18.80 10.42
N LEU A 175 16.45 18.68 10.03
CA LEU A 175 16.12 18.39 8.64
C LEU A 175 16.73 19.42 7.70
N TYR A 176 16.59 20.70 8.03
CA TYR A 176 17.10 21.74 7.14
C TYR A 176 18.60 21.93 7.24
N MET A 177 19.22 21.42 8.31
CA MET A 177 20.67 21.48 8.45
C MET A 177 21.39 20.32 7.75
N TRP A 178 20.81 19.11 7.78
CA TRP A 178 21.48 17.90 7.31
C TRP A 178 22.14 17.98 5.94
N PRO A 179 21.50 18.52 4.89
CA PRO A 179 22.18 18.54 3.57
C PRO A 179 23.53 19.25 3.60
N PHE A 180 23.75 20.18 4.51
CA PHE A 180 24.94 21.02 4.56
C PHE A 180 25.91 20.65 5.67
N GLN A 181 25.41 20.32 6.85
CA GLN A 181 26.27 20.08 7.99
C GLN A 181 25.58 19.10 8.94
N LYS A 182 26.35 18.22 9.56
CA LYS A 182 25.76 17.29 10.52
C LYS A 182 25.22 18.06 11.72
N PRO A 183 24.00 17.78 12.16
CA PRO A 183 23.46 18.53 13.31
C PRO A 183 24.10 18.05 14.59
N ASN A 184 24.17 18.95 15.57
CA ASN A 184 24.60 18.63 16.92
C ASN A 184 23.33 18.45 17.76
N TYR A 185 22.99 17.18 18.02
CA TYR A 185 21.73 16.87 18.67
C TYR A 185 21.72 17.23 20.15
N THR A 186 22.88 17.34 20.79
CA THR A 186 22.92 17.83 22.16
C THR A 186 22.36 19.25 22.24
N GLU A 187 22.79 20.11 21.32
CA GLU A 187 22.28 21.48 21.26
C GLU A 187 20.79 21.51 20.89
N ILE A 188 20.41 20.75 19.86
CA ILE A 188 19.01 20.73 19.44
C ILE A 188 18.13 20.33 20.60
N ARG A 189 18.52 19.26 21.32
CA ARG A 189 17.73 18.82 22.47
C ARG A 189 17.68 19.91 23.53
N GLN A 190 18.78 20.63 23.72
CA GLN A 190 18.77 21.75 24.65
C GLN A 190 17.68 22.77 24.29
N TYR A 191 17.38 22.95 23.01
CA TYR A 191 16.42 23.99 22.65
C TYR A 191 15.03 23.52 22.21
N CYS A 192 14.84 22.24 21.87
CA CYS A 192 13.60 21.79 21.24
C CYS A 192 12.99 20.61 21.99
N ASN A 193 11.65 20.55 22.05
CA ASN A 193 10.95 19.39 22.62
C ASN A 193 10.92 18.19 21.67
N HIS A 194 10.83 18.42 20.37
CA HIS A 194 11.10 17.35 19.41
C HIS A 194 11.52 17.97 18.09
N TRP A 195 12.16 17.16 17.25
CA TRP A 195 12.81 17.67 16.05
C TRP A 195 12.63 16.73 14.88
N ARG A 196 12.29 17.31 13.72
CA ARG A 196 12.18 16.56 12.49
C ARG A 196 13.56 16.29 11.89
N ASN A 197 13.85 15.02 11.60
CA ASN A 197 15.14 14.64 11.05
C ASN A 197 15.14 14.41 9.55
N PHE A 198 14.02 13.94 8.98
CA PHE A 198 14.01 13.40 7.63
C PHE A 198 12.87 14.00 6.83
N ALA A 199 12.86 13.68 5.53
CA ALA A 199 11.91 14.25 4.58
C ALA A 199 10.46 14.01 4.99
N ASP A 200 9.58 14.90 4.51
CA ASP A 200 8.16 14.82 4.80
C ASP A 200 7.60 13.46 4.43
N ILE A 201 6.76 12.91 5.32
CA ILE A 201 6.04 11.69 5.02
C ILE A 201 4.95 11.98 4.00
N ASP A 202 4.61 10.98 3.19
CA ASP A 202 3.39 11.07 2.40
C ASP A 202 2.57 9.81 2.59
N ASP A 203 1.52 9.63 1.80
CA ASP A 203 0.57 8.55 2.00
C ASP A 203 1.03 7.33 1.20
N SER A 204 2.18 6.77 1.61
CA SER A 204 2.74 5.66 0.85
C SER A 204 3.61 4.78 1.76
N TRP A 205 3.61 3.49 1.43
CA TRP A 205 4.53 2.55 2.06
C TRP A 205 5.99 2.92 1.79
N LYS A 206 6.27 3.42 0.58
CA LYS A 206 7.62 3.88 0.26
C LYS A 206 8.14 4.88 1.28
N SER A 207 7.28 5.82 1.69
CA SER A 207 7.69 6.82 2.69
C SER A 207 7.98 6.18 4.04
N ILE A 208 7.14 5.23 4.46
CA ILE A 208 7.38 4.53 5.73
C ILE A 208 8.74 3.84 5.70
N LYS A 209 8.99 3.08 4.62
CA LYS A 209 10.26 2.37 4.50
C LYS A 209 11.44 3.34 4.53
N SER A 210 11.32 4.47 3.83
CA SER A 210 12.41 5.43 3.80
C SER A 210 12.70 5.98 5.19
N ILE A 211 11.64 6.30 5.94
CA ILE A 211 11.82 6.87 7.28
C ILE A 211 12.48 5.86 8.20
N LEU A 212 12.02 4.60 8.16
CA LEU A 212 12.62 3.57 8.99
C LEU A 212 14.08 3.36 8.63
N ASP A 213 14.38 3.30 7.32
CA ASP A 213 15.73 3.01 6.87
C ASP A 213 16.70 4.14 7.24
N TRP A 214 16.24 5.40 7.11
CA TRP A 214 17.09 6.51 7.52
C TRP A 214 17.26 6.56 9.03
N THR A 215 16.21 6.22 9.80
CA THR A 215 16.36 6.17 11.26
C THR A 215 17.37 5.11 11.69
N SER A 216 17.26 3.90 11.14
CA SER A 216 18.21 2.85 11.50
C SER A 216 19.62 3.19 11.01
N PHE A 217 19.73 3.80 9.84
CA PHE A 217 21.04 4.21 9.32
C PHE A 217 21.71 5.22 10.25
N ASN A 218 20.93 6.09 10.88
CA ASN A 218 21.47 7.14 11.72
C ASN A 218 21.32 6.86 13.21
N GLN A 219 21.04 5.62 13.57
CA GLN A 219 20.63 5.36 14.95
C GLN A 219 21.74 5.65 15.96
N GLU A 220 23.00 5.45 15.57
CA GLU A 220 24.10 5.76 16.49
C GLU A 220 24.16 7.24 16.84
N ARG A 221 23.63 8.12 15.98
CA ARG A 221 23.65 9.54 16.25
C ARG A 221 22.44 10.05 17.03
N ILE A 222 21.28 9.42 16.89
CA ILE A 222 20.04 10.04 17.36
C ILE A 222 19.34 9.26 18.46
N VAL A 223 19.59 7.96 18.63
CA VAL A 223 18.77 7.18 19.56
C VAL A 223 19.04 7.61 21.01
N ASP A 224 20.32 7.77 21.37
CA ASP A 224 20.62 8.04 22.78
C ASP A 224 20.28 9.46 23.21
N VAL A 225 20.15 10.41 22.27
CA VAL A 225 19.84 11.78 22.67
C VAL A 225 18.37 11.90 23.09
N ALA A 226 17.50 11.04 22.57
CA ALA A 226 16.08 11.16 22.83
C ALA A 226 15.77 10.75 24.27
N GLY A 227 14.74 11.38 24.84
CA GLY A 227 14.30 11.07 26.17
C GLY A 227 13.30 12.11 26.62
N PRO A 228 12.77 11.96 27.85
CA PRO A 228 11.76 12.89 28.35
C PRO A 228 12.16 14.34 28.13
N GLY A 229 11.31 15.11 27.46
CA GLY A 229 11.60 16.49 27.12
C GLY A 229 12.13 16.71 25.72
N GLY A 230 12.59 15.66 25.04
CA GLY A 230 13.20 15.82 23.73
C GLY A 230 13.17 14.57 22.89
N TRP A 231 12.42 14.57 21.79
CA TRP A 231 12.18 13.36 21.01
C TRP A 231 12.59 13.53 19.55
N ASN A 232 13.01 12.43 18.94
CA ASN A 232 13.13 12.38 17.48
C ASN A 232 11.75 12.35 16.87
N ASP A 233 11.55 13.15 15.82
CA ASP A 233 10.25 13.22 15.15
C ASP A 233 10.35 12.63 13.75
N PRO A 234 9.84 11.42 13.51
CA PRO A 234 9.86 10.83 12.17
C PRO A 234 8.67 11.22 11.29
N ASP A 235 7.86 12.18 11.75
CA ASP A 235 6.74 12.81 11.06
C ASP A 235 5.43 12.08 11.34
N MET A 236 4.35 12.57 10.72
CA MET A 236 2.98 12.26 11.11
C MET A 236 2.61 10.79 10.91
N LEU A 237 1.66 10.34 11.73
CA LEU A 237 0.98 9.08 11.45
C LEU A 237 0.00 9.30 10.29
N VAL A 238 0.02 8.41 9.30
CA VAL A 238 -0.88 8.53 8.16
C VAL A 238 -1.87 7.37 8.13
N ILE A 239 -2.00 6.65 9.24
CA ILE A 239 -3.01 5.62 9.38
C ILE A 239 -4.39 6.24 9.25
N GLY A 240 -5.26 5.58 8.50
CA GLY A 240 -6.60 6.07 8.28
C GLY A 240 -6.81 6.79 6.97
N ASN A 241 -5.76 6.93 6.16
CA ASN A 241 -5.84 7.63 4.88
C ASN A 241 -5.97 6.59 3.77
N PHE A 242 -5.20 6.65 2.69
CA PHE A 242 -5.53 5.92 1.47
C PHE A 242 -4.43 5.02 0.94
N GLY A 243 -3.16 5.26 1.29
CA GLY A 243 -2.04 4.63 0.63
C GLY A 243 -1.44 3.41 1.31
N LEU A 244 -1.80 3.17 2.57
CA LEU A 244 -1.21 2.08 3.34
C LEU A 244 -2.18 0.91 3.44
N SER A 245 -1.70 -0.29 3.14
CA SER A 245 -2.43 -1.49 3.48
C SER A 245 -2.53 -1.63 4.99
N TRP A 246 -3.42 -2.52 5.44
CA TRP A 246 -3.56 -2.77 6.87
C TRP A 246 -2.23 -3.14 7.52
N ASN A 247 -1.47 -4.03 6.90
CA ASN A 247 -0.21 -4.44 7.50
C ASN A 247 0.81 -3.30 7.51
N GLN A 248 0.77 -2.41 6.50
CA GLN A 248 1.65 -1.25 6.52
C GLN A 248 1.25 -0.24 7.59
N GLN A 249 -0.06 -0.10 7.84
CA GLN A 249 -0.52 0.72 8.97
C GLN A 249 -0.04 0.14 10.29
N VAL A 250 -0.16 -1.18 10.46
CA VAL A 250 0.36 -1.84 11.65
C VAL A 250 1.84 -1.55 11.82
N THR A 251 2.60 -1.66 10.73
CA THR A 251 4.04 -1.38 10.81
C THR A 251 4.29 0.05 11.29
N GLN A 252 3.56 1.03 10.75
CA GLN A 252 3.79 2.40 11.20
C GLN A 252 3.48 2.54 12.69
N MET A 253 2.33 2.02 13.14
CA MET A 253 1.96 2.18 14.55
C MET A 253 2.99 1.51 15.48
N ALA A 254 3.35 0.26 15.18
CA ALA A 254 4.33 -0.46 15.98
C ALA A 254 5.67 0.26 16.03
N LEU A 255 6.16 0.72 14.88
CA LEU A 255 7.50 1.30 14.86
C LEU A 255 7.52 2.71 15.45
N TRP A 256 6.45 3.48 15.30
CA TRP A 256 6.38 4.76 15.99
C TRP A 256 6.33 4.56 17.52
N ALA A 257 5.76 3.43 17.98
CA ALA A 257 5.87 3.12 19.41
C ALA A 257 7.31 2.75 19.79
N ILE A 258 7.95 1.89 19.01
CA ILE A 258 9.33 1.50 19.27
C ILE A 258 10.24 2.73 19.32
N MET A 259 10.03 3.68 18.40
CA MET A 259 10.92 4.83 18.27
C MET A 259 10.64 5.95 19.25
N ALA A 260 9.68 5.78 20.17
CA ALA A 260 9.28 6.87 21.08
C ALA A 260 9.01 8.15 20.29
N ALA A 261 8.30 7.99 19.18
CA ALA A 261 7.96 9.08 18.30
C ALA A 261 6.77 9.88 18.84
N PRO A 262 6.75 11.19 18.62
CA PRO A 262 5.49 11.91 18.74
C PRO A 262 4.47 11.27 17.82
N LEU A 263 3.23 11.19 18.29
CA LEU A 263 2.13 10.58 17.54
C LEU A 263 1.17 11.68 17.12
N PHE A 264 1.45 12.30 15.98
CA PHE A 264 0.56 13.30 15.39
C PHE A 264 -0.18 12.66 14.23
N MET A 265 -1.44 12.28 14.46
CA MET A 265 -2.27 11.80 13.36
C MET A 265 -2.48 12.90 12.35
N SER A 266 -2.40 12.56 11.07
CA SER A 266 -2.83 13.46 10.00
C SER A 266 -3.79 12.68 9.12
N ASN A 267 -5.08 12.82 9.42
CA ASN A 267 -6.13 12.03 8.78
C ASN A 267 -7.42 12.84 8.87
N ASP A 268 -8.53 12.26 8.44
CA ASP A 268 -9.83 12.91 8.55
C ASP A 268 -10.64 12.15 9.60
N LEU A 269 -10.72 12.72 10.81
CA LEU A 269 -11.46 12.06 11.88
C LEU A 269 -12.96 11.95 11.58
N ARG A 270 -13.46 12.68 10.58
CA ARG A 270 -14.86 12.56 10.16
C ARG A 270 -15.09 11.33 9.29
N HIS A 271 -14.05 10.78 8.68
CA HIS A 271 -14.18 9.61 7.80
C HIS A 271 -12.98 8.71 8.02
N ILE A 272 -13.10 7.81 9.00
CA ILE A 272 -12.02 6.92 9.35
C ILE A 272 -12.60 5.54 9.66
N SER A 273 -11.96 4.50 9.12
CA SER A 273 -12.45 3.14 9.29
C SER A 273 -12.39 2.71 10.76
N PRO A 274 -13.28 1.81 11.17
CA PRO A 274 -13.19 1.27 12.54
C PRO A 274 -11.87 0.57 12.82
N GLN A 275 -11.30 -0.12 11.83
CA GLN A 275 -10.02 -0.78 12.05
C GLN A 275 -8.89 0.23 12.28
N ALA A 276 -8.84 1.28 11.45
CA ALA A 276 -7.82 2.31 11.62
C ALA A 276 -7.97 2.98 12.98
N LYS A 277 -9.20 3.26 13.39
CA LYS A 277 -9.43 3.89 14.69
C LYS A 277 -9.00 2.97 15.83
N ALA A 278 -9.32 1.68 15.76
CA ALA A 278 -8.92 0.76 16.81
C ALA A 278 -7.40 0.64 16.90
N LEU A 279 -6.71 0.63 15.76
CA LEU A 279 -5.25 0.59 15.78
C LEU A 279 -4.69 1.86 16.40
N LEU A 280 -5.18 3.03 15.95
CA LEU A 280 -4.66 4.30 16.47
C LEU A 280 -4.98 4.48 17.94
N GLN A 281 -6.06 3.86 18.44
CA GLN A 281 -6.43 3.99 19.84
C GLN A 281 -6.01 2.77 20.66
N ASP A 282 -5.13 1.93 20.12
CA ASP A 282 -4.65 0.72 20.78
C ASP A 282 -3.95 1.05 22.09
N LYS A 283 -4.61 0.76 23.21
CA LYS A 283 -4.12 1.15 24.52
C LYS A 283 -2.76 0.54 24.84
N ASP A 284 -2.55 -0.74 24.51
CA ASP A 284 -1.27 -1.37 24.83
C ASP A 284 -0.12 -0.77 24.02
N VAL A 285 -0.36 -0.48 22.73
CA VAL A 285 0.70 0.06 21.89
C VAL A 285 1.00 1.51 22.26
N ILE A 286 -0.05 2.30 22.51
CA ILE A 286 0.15 3.66 23.00
C ILE A 286 0.93 3.64 24.32
N ALA A 287 0.61 2.69 25.20
CA ALA A 287 1.34 2.60 26.47
C ALA A 287 2.83 2.35 26.22
N ILE A 288 3.16 1.56 25.20
CA ILE A 288 4.58 1.42 24.86
C ILE A 288 5.16 2.76 24.39
N ASN A 289 4.50 3.41 23.43
CA ASN A 289 4.98 4.71 22.96
C ASN A 289 5.17 5.70 24.11
N GLN A 290 4.24 5.70 25.06
CA GLN A 290 4.21 6.64 26.17
C GLN A 290 4.94 6.13 27.41
N ASP A 291 5.78 5.10 27.27
CA ASP A 291 6.46 4.54 28.43
C ASP A 291 7.23 5.64 29.18
N PRO A 292 7.02 5.79 30.48
CA PRO A 292 7.61 6.95 31.20
C PRO A 292 9.12 6.97 31.21
N LEU A 293 9.78 5.82 31.04
CA LEU A 293 11.23 5.81 30.98
C LEU A 293 11.74 6.61 29.80
N GLY A 294 11.03 6.59 28.68
CA GLY A 294 11.39 7.43 27.55
C GLY A 294 12.69 7.08 26.88
N LYS A 295 13.06 5.80 26.82
CA LYS A 295 14.24 5.36 26.09
C LYS A 295 13.81 4.94 24.67
N GLN A 296 14.36 5.62 23.66
CA GLN A 296 14.02 5.27 22.29
C GLN A 296 14.57 3.89 21.93
N GLY A 297 13.79 3.12 21.18
CA GLY A 297 14.22 1.84 20.68
C GLY A 297 15.16 1.98 19.50
N TYR A 298 15.53 0.83 18.96
CA TYR A 298 16.56 0.80 17.92
C TYR A 298 16.41 -0.50 17.13
N GLN A 299 17.07 -0.52 15.98
CA GLN A 299 17.13 -1.74 15.18
C GLN A 299 18.22 -2.63 15.74
N LEU A 300 17.84 -3.82 16.16
CA LEU A 300 18.78 -4.81 16.67
C LEU A 300 19.40 -5.62 15.56
N ARG A 301 18.60 -6.04 14.58
CA ARG A 301 19.09 -6.91 13.51
C ARG A 301 18.42 -6.56 12.19
N GLN A 302 19.13 -6.83 11.10
CA GLN A 302 18.52 -6.78 9.79
C GLN A 302 19.22 -7.79 8.90
N GLY A 303 18.42 -8.52 8.12
CA GLY A 303 18.94 -9.53 7.24
C GLY A 303 17.85 -10.44 6.72
N ASP A 304 18.04 -11.01 5.53
CA ASP A 304 17.06 -11.91 4.92
C ASP A 304 15.71 -11.23 4.76
N ASN A 305 15.74 -9.92 4.46
CA ASN A 305 14.54 -9.10 4.33
C ASN A 305 13.68 -9.08 5.59
N PHE A 306 14.32 -9.28 6.75
CA PHE A 306 13.69 -9.11 8.05
C PHE A 306 14.41 -8.00 8.80
N GLU A 307 13.69 -7.35 9.70
CA GLU A 307 14.26 -6.42 10.65
C GLU A 307 13.75 -6.73 12.05
N VAL A 308 14.62 -6.64 13.04
CA VAL A 308 14.24 -6.78 14.44
C VAL A 308 14.63 -5.49 15.15
N TRP A 309 13.64 -4.83 15.73
CA TRP A 309 13.82 -3.65 16.56
C TRP A 309 13.41 -3.97 17.99
N GLU A 310 13.96 -3.24 18.96
CA GLU A 310 13.54 -3.46 20.33
C GLU A 310 13.66 -2.14 21.09
N ARG A 311 12.91 -2.05 22.19
CA ARG A 311 12.86 -0.86 23.02
C ARG A 311 12.81 -1.24 24.50
N PRO A 312 13.72 -0.73 25.32
CA PRO A 312 13.62 -0.98 26.77
C PRO A 312 12.50 -0.16 27.38
N LEU A 313 11.75 -0.79 28.28
CA LEU A 313 10.62 -0.14 28.93
C LEU A 313 10.84 -0.10 30.44
N SER A 314 9.98 0.66 31.13
CA SER A 314 9.99 0.69 32.58
C SER A 314 9.77 -0.70 33.16
N GLY A 315 10.33 -0.93 34.34
CA GLY A 315 10.03 -2.14 35.11
C GLY A 315 10.46 -3.44 34.47
N LEU A 316 11.64 -3.47 33.86
CA LEU A 316 12.28 -4.67 33.31
C LEU A 316 11.57 -5.22 32.08
N ALA A 317 10.66 -4.48 31.47
CA ALA A 317 9.94 -4.95 30.29
C ALA A 317 10.62 -4.44 29.03
N TRP A 318 10.34 -5.11 27.92
CA TRP A 318 10.90 -4.74 26.63
C TRP A 318 9.80 -4.86 25.57
N ALA A 319 9.85 -4.03 24.54
CA ALA A 319 9.04 -4.21 23.35
C ALA A 319 9.93 -4.65 22.19
N VAL A 320 9.44 -5.59 21.37
CA VAL A 320 10.20 -6.13 20.26
C VAL A 320 9.32 -6.12 19.01
N ALA A 321 9.84 -5.59 17.91
CA ALA A 321 9.11 -5.54 16.64
C ALA A 321 9.89 -6.31 15.59
N MET A 322 9.19 -7.15 14.82
CA MET A 322 9.78 -7.89 13.72
C MET A 322 9.05 -7.51 12.44
N ILE A 323 9.80 -6.98 11.47
CA ILE A 323 9.27 -6.48 10.21
C ILE A 323 9.69 -7.43 9.09
N ASN A 324 8.73 -7.75 8.22
CA ASN A 324 8.99 -8.54 7.02
C ASN A 324 9.01 -7.57 5.84
N ARG A 325 10.20 -7.32 5.29
CA ARG A 325 10.36 -6.39 4.18
C ARG A 325 10.29 -7.08 2.82
N GLN A 326 10.03 -8.38 2.77
CA GLN A 326 9.82 -9.08 1.50
C GLN A 326 8.41 -8.80 1.01
N GLU A 327 8.29 -8.19 -0.16
CA GLU A 327 7.01 -7.71 -0.67
C GLU A 327 6.43 -8.66 -1.73
N ILE A 328 6.50 -9.95 -1.44
CA ILE A 328 5.99 -10.99 -2.32
C ILE A 328 5.76 -12.22 -1.45
N GLY A 329 4.85 -13.09 -1.87
CA GLY A 329 4.63 -14.33 -1.13
C GLY A 329 3.67 -14.14 0.03
N GLY A 330 3.85 -14.98 1.06
CA GLY A 330 2.97 -15.01 2.19
C GLY A 330 3.69 -14.73 3.50
N PRO A 331 3.02 -14.96 4.63
CA PRO A 331 3.68 -14.75 5.93
C PRO A 331 4.94 -15.60 6.01
N ARG A 332 6.04 -14.97 6.40
CA ARG A 332 7.34 -15.65 6.44
C ARG A 332 7.78 -15.89 7.88
N SER A 333 8.36 -17.07 8.10
CA SER A 333 8.79 -17.46 9.44
C SER A 333 10.12 -16.79 9.80
N TYR A 334 10.19 -16.27 11.02
CA TYR A 334 11.38 -15.69 11.61
C TYR A 334 11.55 -16.26 13.01
N THR A 335 12.75 -16.73 13.31
CA THR A 335 13.08 -17.29 14.61
C THR A 335 14.28 -16.56 15.21
N ILE A 336 14.24 -16.31 16.52
CA ILE A 336 15.35 -15.64 17.20
C ILE A 336 15.45 -16.18 18.62
N ALA A 337 16.69 -16.40 19.08
CA ALA A 337 16.90 -16.76 20.47
C ALA A 337 16.46 -15.62 21.38
N VAL A 338 15.64 -15.93 22.39
CA VAL A 338 15.19 -14.86 23.27
C VAL A 338 16.36 -14.31 24.09
N ALA A 339 17.43 -15.10 24.28
CA ALA A 339 18.63 -14.59 24.95
C ALA A 339 19.28 -13.46 24.16
N SER A 340 19.00 -13.36 22.85
CA SER A 340 19.50 -12.27 22.03
C SER A 340 18.70 -10.99 22.17
N LEU A 341 17.55 -11.05 22.85
CA LEU A 341 16.66 -9.90 22.96
C LEU A 341 16.91 -9.15 24.27
N GLY A 342 16.62 -7.86 24.24
CA GLY A 342 16.76 -7.04 25.44
C GLY A 342 18.13 -7.13 26.07
N LYS A 343 19.18 -7.17 25.25
CA LYS A 343 20.57 -7.20 25.71
C LYS A 343 20.87 -8.41 26.59
N GLY A 344 20.09 -9.47 26.45
CA GLY A 344 20.28 -10.68 27.23
C GLY A 344 19.64 -10.71 28.60
N VAL A 345 18.92 -9.66 29.01
CA VAL A 345 18.28 -9.64 30.32
C VAL A 345 16.77 -9.80 30.24
N ALA A 346 16.14 -9.46 29.12
CA ALA A 346 14.67 -9.47 29.06
C ALA A 346 14.11 -10.81 29.50
N CYS A 347 14.75 -11.91 29.08
CA CYS A 347 14.22 -13.25 29.34
C CYS A 347 15.17 -14.11 30.16
N ASN A 348 15.97 -13.48 31.02
CA ASN A 348 16.82 -14.22 31.94
C ASN A 348 16.27 -14.05 33.35
N PRO A 349 15.76 -15.11 34.00
CA PRO A 349 15.80 -16.51 33.54
C PRO A 349 14.65 -16.89 32.62
N ALA A 350 13.58 -16.10 32.63
CA ALA A 350 12.46 -16.32 31.73
C ALA A 350 11.71 -15.00 31.56
N CYS A 351 10.83 -14.98 30.57
CA CYS A 351 9.95 -13.86 30.31
C CYS A 351 8.60 -14.38 29.83
N PHE A 352 7.54 -13.66 30.15
CA PHE A 352 6.23 -13.86 29.53
C PHE A 352 6.10 -12.92 28.34
N ILE A 353 5.72 -13.48 27.19
CA ILE A 353 5.65 -12.73 25.94
C ILE A 353 4.21 -12.60 25.52
N THR A 354 3.79 -11.37 25.22
CA THR A 354 2.45 -11.10 24.72
C THR A 354 2.58 -10.42 23.36
N GLN A 355 2.02 -11.04 22.33
CA GLN A 355 1.89 -10.36 21.05
C GLN A 355 0.79 -9.30 21.16
N LEU A 356 1.09 -8.09 20.67
CA LEU A 356 0.16 -6.98 20.64
C LEU A 356 -0.36 -6.70 19.24
N LEU A 357 0.51 -6.83 18.24
CA LEU A 357 0.16 -6.61 16.84
C LEU A 357 0.71 -7.74 16.00
N PRO A 358 0.00 -8.13 14.91
CA PRO A 358 -1.21 -7.49 14.39
C PRO A 358 -2.49 -7.76 15.21
N VAL A 359 -2.44 -8.79 16.07
CA VAL A 359 -3.53 -9.11 16.99
C VAL A 359 -2.93 -9.38 18.35
N LYS A 360 -3.73 -9.19 19.40
CA LYS A 360 -3.26 -9.45 20.75
C LYS A 360 -3.43 -10.93 21.08
N ARG A 361 -2.35 -11.57 21.51
CA ARG A 361 -2.40 -12.98 21.86
C ARG A 361 -1.25 -13.27 22.82
N LYS A 362 -1.57 -13.84 23.98
CA LYS A 362 -0.54 -14.28 24.90
C LYS A 362 0.20 -15.47 24.29
N LEU A 363 1.53 -15.40 24.25
CA LEU A 363 2.32 -16.50 23.71
C LEU A 363 2.83 -17.46 24.77
N GLY A 364 2.95 -17.01 26.01
CA GLY A 364 3.35 -17.88 27.10
C GLY A 364 4.71 -17.49 27.65
N PHE A 365 5.26 -18.42 28.44
CA PHE A 365 6.54 -18.24 29.11
C PHE A 365 7.68 -18.76 28.22
N TYR A 366 8.75 -17.98 28.14
CA TYR A 366 9.94 -18.32 27.36
C TYR A 366 11.13 -18.33 28.29
N GLU A 367 11.83 -19.45 28.36
CA GLU A 367 13.01 -19.56 29.21
C GLU A 367 14.20 -18.90 28.50
N TRP A 368 15.28 -18.65 29.26
CA TRP A 368 16.45 -18.00 28.69
C TRP A 368 17.03 -18.80 27.54
N THR A 369 16.76 -20.10 27.48
CA THR A 369 17.24 -20.97 26.41
C THR A 369 16.31 -20.97 25.21
N SER A 370 15.15 -20.35 25.30
CA SER A 370 14.12 -20.56 24.29
C SER A 370 14.42 -19.81 23.00
N ARG A 371 13.67 -20.20 21.97
CA ARG A 371 13.69 -19.55 20.68
C ARG A 371 12.26 -19.11 20.41
N LEU A 372 12.09 -17.89 19.93
CA LEU A 372 10.80 -17.34 19.57
C LEU A 372 10.64 -17.45 18.06
N ARG A 373 9.54 -18.07 17.62
CA ARG A 373 9.21 -18.21 16.22
C ARG A 373 7.93 -17.46 15.93
N SER A 374 7.92 -16.69 14.86
CA SER A 374 6.73 -15.97 14.45
C SER A 374 6.63 -16.01 12.92
N HIS A 375 5.42 -15.80 12.42
CA HIS A 375 5.19 -15.61 11.00
C HIS A 375 4.75 -14.17 10.80
N ILE A 376 5.44 -13.45 9.92
CA ILE A 376 5.23 -12.03 9.75
C ILE A 376 4.75 -11.78 8.33
N ASN A 377 3.63 -11.05 8.21
CA ASN A 377 3.06 -10.75 6.92
C ASN A 377 3.99 -9.84 6.10
N PRO A 378 4.01 -10.00 4.78
CA PRO A 378 4.76 -9.07 3.93
C PRO A 378 4.34 -7.63 4.17
N THR A 379 5.33 -6.78 4.46
CA THR A 379 5.23 -5.35 4.80
C THR A 379 4.57 -5.14 6.15
N GLY A 380 4.27 -6.22 6.88
CA GLY A 380 3.69 -6.10 8.21
C GLY A 380 4.74 -6.25 9.30
N THR A 381 4.29 -6.05 10.53
CA THR A 381 5.13 -6.12 11.70
C THR A 381 4.42 -6.95 12.76
N VAL A 382 5.18 -7.77 13.47
CA VAL A 382 4.73 -8.41 14.70
C VAL A 382 5.34 -7.64 15.85
N LEU A 383 4.50 -7.11 16.73
CA LEU A 383 4.96 -6.39 17.91
C LEU A 383 4.66 -7.21 19.15
N LEU A 384 5.68 -7.38 20.01
CA LEU A 384 5.59 -8.18 21.22
C LEU A 384 6.00 -7.34 22.41
N GLN A 385 5.44 -7.68 23.57
CA GLN A 385 5.91 -7.15 24.84
C GLN A 385 6.40 -8.30 25.71
N LEU A 386 7.62 -8.14 26.24
CA LEU A 386 8.31 -9.14 27.05
C LEU A 386 8.37 -8.63 28.48
N GLU A 387 7.90 -9.46 29.42
CA GLU A 387 7.92 -9.15 30.84
C GLU A 387 8.84 -10.17 31.54
N ASN A 388 9.91 -9.69 32.16
CA ASN A 388 10.78 -10.60 32.88
C ASN A 388 10.02 -11.22 34.05
N THR A 389 10.21 -12.52 34.28
CA THR A 389 9.49 -13.21 35.36
C THR A 389 9.89 -12.68 36.73
N MET A 390 10.82 -11.73 36.78
CA MET A 390 11.30 -11.02 37.97
C MET A 390 12.36 -11.86 38.68
N LEU B 1 -5.16 -17.18 -30.64
CA LEU B 1 -5.23 -18.61 -30.90
C LEU B 1 -6.65 -19.06 -31.21
N ASP B 2 -6.84 -19.61 -32.41
CA ASP B 2 -8.16 -19.99 -32.90
C ASP B 2 -8.48 -21.43 -32.50
N ASN B 3 -8.60 -21.64 -31.18
CA ASN B 3 -8.97 -22.94 -30.66
C ASN B 3 -10.35 -22.93 -30.01
N GLY B 4 -11.13 -21.86 -30.20
CA GLY B 4 -12.42 -21.74 -29.58
C GLY B 4 -12.40 -21.41 -28.11
N LEU B 5 -11.23 -21.20 -27.51
CA LEU B 5 -11.09 -20.94 -26.09
C LEU B 5 -10.76 -19.47 -25.84
N ALA B 6 -10.91 -19.06 -24.58
CA ALA B 6 -10.59 -17.69 -24.18
C ALA B 6 -11.32 -16.67 -25.04
N ARG B 7 -12.59 -16.97 -25.37
CA ARG B 7 -13.39 -15.99 -26.08
C ARG B 7 -13.63 -14.75 -25.23
N THR B 8 -13.57 -14.90 -23.91
CA THR B 8 -13.41 -13.82 -22.96
C THR B 8 -12.14 -14.10 -22.17
N PRO B 9 -11.57 -13.08 -21.51
CA PRO B 9 -10.35 -13.32 -20.73
C PRO B 9 -10.55 -14.43 -19.72
N THR B 10 -9.57 -15.34 -19.64
CA THR B 10 -9.65 -16.47 -18.71
C THR B 10 -9.67 -15.98 -17.27
N MET B 11 -10.51 -16.62 -16.45
CA MET B 11 -10.64 -16.30 -15.03
C MET B 11 -10.32 -17.54 -14.19
N GLY B 12 -9.54 -17.35 -13.14
CA GLY B 12 -9.24 -18.44 -12.24
C GLY B 12 -8.30 -18.05 -11.12
N TRP B 13 -7.48 -19.00 -10.69
CA TRP B 13 -6.58 -18.84 -9.56
C TRP B 13 -5.25 -19.51 -9.93
N LEU B 14 -4.16 -18.85 -9.56
CA LEU B 14 -2.80 -19.27 -9.91
C LEU B 14 -1.92 -19.05 -8.68
N HIS B 15 -1.12 -20.05 -8.32
CA HIS B 15 -0.51 -20.02 -7.00
C HIS B 15 0.72 -19.13 -6.89
N TRP B 16 1.29 -18.66 -8.00
CA TRP B 16 2.69 -18.23 -7.99
C TRP B 16 2.96 -17.07 -7.03
N GLU B 17 2.23 -15.96 -7.18
CA GLU B 17 2.58 -14.77 -6.38
C GLU B 17 2.50 -15.06 -4.88
N ARG B 18 1.42 -15.71 -4.45
CA ARG B 18 1.22 -15.89 -3.01
C ARG B 18 2.06 -17.03 -2.45
N PHE B 19 2.24 -18.11 -3.21
CA PHE B 19 2.89 -19.31 -2.66
C PHE B 19 4.26 -19.60 -3.26
N MET B 20 4.55 -19.12 -4.45
CA MET B 20 5.92 -19.15 -5.04
C MET B 20 6.40 -20.60 -5.12
N CYS B 21 7.65 -20.88 -4.78
CA CYS B 21 8.21 -22.22 -4.90
C CYS B 21 8.55 -22.79 -3.53
N ASN B 22 7.58 -22.77 -2.61
CA ASN B 22 7.82 -23.26 -1.26
C ASN B 22 7.74 -24.78 -1.26
N LEU B 23 8.88 -25.43 -1.04
CA LEU B 23 8.96 -26.88 -1.03
C LEU B 23 9.08 -27.44 0.38
N ASP B 24 9.05 -26.60 1.41
CA ASP B 24 9.28 -27.04 2.80
C ASP B 24 7.94 -27.38 3.45
N CYS B 25 7.42 -28.57 3.11
CA CYS B 25 6.16 -29.00 3.71
C CYS B 25 6.32 -29.39 5.17
N GLN B 26 7.54 -29.65 5.64
CA GLN B 26 7.72 -30.01 7.05
C GLN B 26 7.55 -28.79 7.96
N GLU B 27 8.19 -27.68 7.63
CA GLU B 27 8.11 -26.48 8.45
C GLU B 27 7.05 -25.49 7.99
N GLU B 28 6.67 -25.49 6.72
CA GLU B 28 5.66 -24.57 6.20
C GLU B 28 4.57 -25.36 5.46
N PRO B 29 3.90 -26.29 6.15
CA PRO B 29 2.93 -27.16 5.46
C PRO B 29 1.77 -26.40 4.84
N ASP B 30 1.36 -25.28 5.41
CA ASP B 30 0.23 -24.53 4.88
C ASP B 30 0.60 -23.66 3.69
N SER B 31 1.89 -23.51 3.42
CA SER B 31 2.38 -22.69 2.31
C SER B 31 3.07 -23.48 1.21
N CYS B 32 3.37 -24.76 1.43
CA CYS B 32 4.16 -25.49 0.44
C CYS B 32 3.28 -25.91 -0.73
N ILE B 33 3.93 -26.13 -1.87
CA ILE B 33 3.24 -26.50 -3.11
C ILE B 33 2.90 -27.99 -3.01
N SER B 34 1.63 -28.29 -2.71
CA SER B 34 1.22 -29.67 -2.49
C SER B 34 -0.17 -29.87 -3.07
N GLU B 35 -0.50 -31.14 -3.31
CA GLU B 35 -1.82 -31.49 -3.81
C GLU B 35 -2.92 -31.11 -2.83
N LYS B 36 -2.63 -31.15 -1.52
CA LYS B 36 -3.65 -30.77 -0.53
C LYS B 36 -3.99 -29.29 -0.63
N LEU B 37 -2.99 -28.43 -0.87
CA LEU B 37 -3.26 -27.01 -1.08
C LEU B 37 -4.25 -26.79 -2.22
N PHE B 38 -4.02 -27.45 -3.35
CA PHE B 38 -4.89 -27.26 -4.50
C PHE B 38 -6.28 -27.87 -4.28
N MET B 39 -6.35 -29.01 -3.60
CA MET B 39 -7.65 -29.59 -3.29
C MET B 39 -8.48 -28.67 -2.40
N GLU B 40 -7.86 -28.14 -1.34
CA GLU B 40 -8.59 -27.22 -0.46
C GLU B 40 -8.97 -25.94 -1.20
N MET B 41 -8.08 -25.43 -2.05
CA MET B 41 -8.39 -24.23 -2.80
C MET B 41 -9.57 -24.46 -3.74
N ALA B 42 -9.64 -25.66 -4.36
CA ALA B 42 -10.80 -25.98 -5.20
C ALA B 42 -12.09 -26.05 -4.39
N GLU B 43 -12.03 -26.68 -3.21
CA GLU B 43 -13.19 -26.72 -2.33
C GLU B 43 -13.69 -25.31 -2.04
N LEU B 44 -12.79 -24.40 -1.69
CA LEU B 44 -13.21 -23.05 -1.37
C LEU B 44 -13.69 -22.28 -2.61
N MET B 45 -13.08 -22.53 -3.77
CA MET B 45 -13.56 -21.90 -4.99
C MET B 45 -15.02 -22.24 -5.24
N VAL B 46 -15.42 -23.46 -4.88
CA VAL B 46 -16.84 -23.80 -4.98
C VAL B 46 -17.63 -23.15 -3.83
N SER B 47 -17.23 -23.42 -2.59
CA SER B 47 -18.11 -23.09 -1.46
C SER B 47 -18.19 -21.58 -1.17
N GLU B 48 -17.19 -20.79 -1.57
CA GLU B 48 -17.16 -19.37 -1.22
C GLU B 48 -17.56 -18.47 -2.38
N GLY B 49 -18.16 -19.03 -3.43
CA GLY B 49 -18.73 -18.23 -4.50
C GLY B 49 -17.79 -17.86 -5.64
N TRP B 50 -16.54 -18.33 -5.60
CA TRP B 50 -15.59 -17.96 -6.64
C TRP B 50 -15.99 -18.51 -8.00
N LYS B 51 -16.36 -19.79 -8.04
CA LYS B 51 -16.81 -20.38 -9.30
C LYS B 51 -18.02 -19.65 -9.85
N ASP B 52 -18.99 -19.34 -8.99
CA ASP B 52 -20.18 -18.63 -9.45
C ASP B 52 -19.86 -17.27 -10.04
N ALA B 53 -18.83 -16.59 -9.52
CA ALA B 53 -18.45 -15.29 -10.06
C ALA B 53 -17.72 -15.41 -11.40
N GLY B 54 -17.25 -16.60 -11.74
CA GLY B 54 -16.62 -16.84 -13.02
C GLY B 54 -15.21 -17.40 -12.93
N TYR B 55 -14.60 -17.45 -11.75
CA TYR B 55 -13.25 -17.99 -11.61
C TYR B 55 -13.30 -19.50 -11.73
N GLU B 56 -12.80 -20.04 -12.84
CA GLU B 56 -13.03 -21.42 -13.23
C GLU B 56 -11.78 -22.27 -13.28
N TYR B 57 -10.61 -21.68 -13.57
CA TYR B 57 -9.37 -22.43 -13.74
C TYR B 57 -8.55 -22.39 -12.46
N LEU B 58 -8.37 -23.55 -11.84
CA LEU B 58 -7.45 -23.71 -10.72
C LEU B 58 -6.09 -24.11 -11.29
N CYS B 59 -5.10 -23.24 -11.15
CA CYS B 59 -3.87 -23.37 -11.93
C CYS B 59 -2.66 -23.58 -11.04
N ILE B 60 -1.88 -24.61 -11.39
CA ILE B 60 -0.59 -24.89 -10.76
C ILE B 60 0.47 -24.13 -11.55
N ASP B 61 1.36 -23.45 -10.82
CA ASP B 61 2.50 -22.79 -11.46
C ASP B 61 3.72 -23.69 -11.28
N ASP B 62 4.92 -23.11 -11.28
CA ASP B 62 6.14 -23.89 -11.18
C ASP B 62 6.22 -24.65 -9.86
N CYS B 63 7.10 -25.66 -9.84
CA CYS B 63 7.50 -26.42 -8.65
C CYS B 63 6.48 -27.47 -8.24
N TRP B 64 5.81 -28.08 -9.21
CA TRP B 64 5.00 -29.25 -8.97
C TRP B 64 5.69 -30.55 -9.39
N MET B 65 6.77 -30.46 -10.15
CA MET B 65 7.36 -31.62 -10.81
C MET B 65 8.31 -32.38 -9.90
N ALA B 66 8.45 -33.68 -10.18
CA ALA B 66 9.57 -34.44 -9.67
C ALA B 66 10.86 -33.94 -10.33
N PRO B 67 12.02 -34.21 -9.72
CA PRO B 67 13.26 -33.67 -10.28
C PRO B 67 13.64 -34.27 -11.63
N GLN B 68 13.10 -35.43 -12.00
CA GLN B 68 13.40 -36.04 -13.29
C GLN B 68 12.14 -36.68 -13.86
N ARG B 69 12.19 -36.93 -15.16
CA ARG B 69 11.09 -37.64 -15.80
C ARG B 69 11.15 -39.11 -15.44
N ASP B 70 10.07 -39.83 -15.73
CA ASP B 70 10.01 -41.24 -15.41
C ASP B 70 10.80 -42.05 -16.43
N SER B 71 10.73 -43.38 -16.30
CA SER B 71 11.46 -44.25 -17.21
C SER B 71 10.98 -44.09 -18.64
N GLU B 72 9.68 -43.89 -18.83
CA GLU B 72 9.09 -43.68 -20.14
C GLU B 72 9.29 -42.26 -20.67
N GLY B 73 10.19 -41.50 -20.06
CA GLY B 73 10.46 -40.13 -20.47
C GLY B 73 9.31 -39.17 -20.29
N ARG B 74 8.40 -39.45 -19.38
CA ARG B 74 7.26 -38.58 -19.12
C ARG B 74 7.44 -37.81 -17.82
N LEU B 75 6.94 -36.58 -17.81
CA LEU B 75 6.95 -35.77 -16.60
C LEU B 75 6.16 -36.49 -15.50
N GLN B 76 6.59 -36.27 -14.26
CA GLN B 76 5.87 -36.78 -13.10
C GLN B 76 5.77 -35.68 -12.06
N ALA B 77 4.65 -35.68 -11.34
CA ALA B 77 4.52 -34.80 -10.20
C ALA B 77 5.39 -35.30 -9.05
N ASP B 78 5.75 -34.40 -8.15
CA ASP B 78 6.60 -34.77 -7.03
C ASP B 78 5.94 -35.88 -6.22
N PRO B 79 6.62 -37.00 -5.98
CA PRO B 79 5.95 -38.10 -5.27
C PRO B 79 5.63 -37.79 -3.82
N GLN B 80 6.38 -36.90 -3.17
CA GLN B 80 6.08 -36.58 -1.78
C GLN B 80 4.98 -35.53 -1.68
N ARG B 81 5.03 -34.50 -2.53
CA ARG B 81 4.07 -33.40 -2.42
C ARG B 81 2.83 -33.63 -3.25
N PHE B 82 2.91 -34.43 -4.31
CA PHE B 82 1.74 -34.79 -5.13
C PHE B 82 1.63 -36.31 -5.25
N PRO B 83 1.49 -37.02 -4.14
CA PRO B 83 1.54 -38.49 -4.20
C PRO B 83 0.43 -39.11 -5.03
N HIS B 84 -0.73 -38.48 -5.12
CA HIS B 84 -1.85 -39.05 -5.87
C HIS B 84 -1.82 -38.71 -7.35
N GLY B 85 -0.95 -37.81 -7.77
CA GLY B 85 -0.75 -37.55 -9.19
C GLY B 85 -1.72 -36.54 -9.77
N ILE B 86 -1.30 -35.98 -10.91
CA ILE B 86 -2.05 -34.91 -11.57
C ILE B 86 -3.37 -35.43 -12.08
N ARG B 87 -3.44 -36.69 -12.51
CA ARG B 87 -4.69 -37.19 -13.08
C ARG B 87 -5.77 -37.26 -12.02
N GLN B 88 -5.43 -37.73 -10.82
CA GLN B 88 -6.39 -37.70 -9.72
C GLN B 88 -6.73 -36.28 -9.29
N LEU B 89 -5.74 -35.39 -9.26
CA LEU B 89 -6.04 -34.00 -8.93
C LEU B 89 -7.02 -33.41 -9.94
N ALA B 90 -6.81 -33.68 -11.23
CA ALA B 90 -7.72 -33.22 -12.27
C ALA B 90 -9.11 -33.82 -12.10
N ASN B 91 -9.19 -35.11 -11.77
CA ASN B 91 -10.50 -35.71 -11.48
C ASN B 91 -11.20 -34.99 -10.34
N TYR B 92 -10.46 -34.68 -9.28
CA TYR B 92 -11.04 -33.96 -8.15
C TYR B 92 -11.55 -32.60 -8.58
N VAL B 93 -10.70 -31.85 -9.28
CA VAL B 93 -11.06 -30.49 -9.73
C VAL B 93 -12.27 -30.53 -10.65
N HIS B 94 -12.27 -31.45 -11.61
CA HIS B 94 -13.41 -31.60 -12.52
C HIS B 94 -14.68 -31.98 -11.76
N SER B 95 -14.56 -32.84 -10.76
CA SER B 95 -15.72 -33.21 -9.95
C SER B 95 -16.31 -32.01 -9.23
N LYS B 96 -15.50 -30.98 -8.98
CA LYS B 96 -16.01 -29.74 -8.41
C LYS B 96 -16.58 -28.78 -9.46
N GLY B 97 -16.56 -29.16 -10.73
CA GLY B 97 -17.01 -28.26 -11.78
C GLY B 97 -15.97 -27.26 -12.22
N LEU B 98 -14.71 -27.45 -11.86
CA LEU B 98 -13.64 -26.52 -12.18
C LEU B 98 -12.74 -27.12 -13.24
N LYS B 99 -11.80 -26.31 -13.73
CA LYS B 99 -10.81 -26.75 -14.69
C LYS B 99 -9.42 -26.58 -14.09
N LEU B 100 -8.48 -27.40 -14.56
CA LEU B 100 -7.14 -27.48 -13.97
C LEU B 100 -6.09 -26.96 -14.94
N GLY B 101 -5.28 -26.03 -14.47
CA GLY B 101 -4.15 -25.50 -15.22
C GLY B 101 -2.86 -26.06 -14.65
N ILE B 102 -1.87 -26.24 -15.53
CA ILE B 102 -0.57 -26.75 -15.13
C ILE B 102 0.50 -25.86 -15.76
N TYR B 103 1.75 -26.13 -15.43
CA TYR B 103 2.88 -25.30 -15.80
C TYR B 103 3.95 -26.15 -16.45
N ALA B 104 4.62 -25.59 -17.45
CA ALA B 104 5.79 -26.21 -18.06
C ALA B 104 6.66 -25.10 -18.64
N ASP B 105 7.82 -25.48 -19.17
CA ASP B 105 8.78 -24.50 -19.64
C ASP B 105 9.28 -24.88 -21.03
N VAL B 106 9.43 -23.86 -21.89
CA VAL B 106 9.79 -24.10 -23.29
C VAL B 106 11.22 -24.63 -23.41
N GLY B 107 12.07 -24.32 -22.45
CA GLY B 107 13.48 -24.63 -22.53
C GLY B 107 13.86 -25.95 -21.91
N ASN B 108 15.10 -26.04 -21.46
CA ASN B 108 15.64 -27.29 -20.92
C ASN B 108 15.25 -27.51 -19.46
N LYS B 109 14.89 -26.45 -18.73
CA LYS B 109 14.46 -26.55 -17.36
C LYS B 109 13.40 -25.49 -17.10
N THR B 110 12.55 -25.74 -16.09
CA THR B 110 11.68 -24.67 -15.61
C THR B 110 12.53 -23.62 -14.90
N CYS B 111 11.93 -22.44 -14.70
CA CYS B 111 12.67 -21.36 -14.07
C CYS B 111 13.19 -21.73 -12.68
N ALA B 112 12.50 -22.64 -11.99
CA ALA B 112 12.96 -23.11 -10.69
C ALA B 112 13.89 -24.33 -10.78
N GLY B 113 14.16 -24.83 -11.98
CA GLY B 113 15.14 -25.88 -12.16
C GLY B 113 14.59 -27.27 -12.37
N PHE B 114 13.28 -27.41 -12.58
CA PHE B 114 12.66 -28.72 -12.78
C PHE B 114 12.63 -29.05 -14.26
N PRO B 115 12.28 -30.30 -14.63
CA PRO B 115 12.42 -30.72 -16.03
C PRO B 115 11.73 -29.79 -17.03
N GLY B 116 12.51 -29.35 -18.03
CA GLY B 116 11.96 -28.61 -19.14
C GLY B 116 11.32 -29.51 -20.19
N SER B 117 10.64 -28.87 -21.14
CA SER B 117 9.87 -29.59 -22.15
C SER B 117 10.57 -29.64 -23.51
N PHE B 118 11.72 -28.99 -23.66
CA PHE B 118 12.47 -29.08 -24.91
C PHE B 118 12.81 -30.52 -25.23
N GLY B 119 12.47 -30.97 -26.44
CA GLY B 119 12.66 -32.34 -26.83
C GLY B 119 11.52 -33.26 -26.44
N TYR B 120 10.52 -32.76 -25.71
CA TYR B 120 9.41 -33.57 -25.24
C TYR B 120 8.07 -32.87 -25.45
N TYR B 121 7.99 -31.90 -26.36
CA TYR B 121 6.78 -31.09 -26.51
C TYR B 121 5.56 -31.97 -26.75
N ASP B 122 5.64 -32.89 -27.71
CA ASP B 122 4.48 -33.71 -28.03
C ASP B 122 4.17 -34.70 -26.91
N ILE B 123 5.21 -35.33 -26.34
CA ILE B 123 5.01 -36.21 -25.20
C ILE B 123 4.36 -35.47 -24.06
N ASP B 124 4.87 -34.28 -23.75
CA ASP B 124 4.33 -33.52 -22.62
C ASP B 124 2.90 -33.07 -22.87
N ALA B 125 2.60 -32.63 -24.09
CA ALA B 125 1.24 -32.22 -24.41
C ALA B 125 0.26 -33.38 -24.29
N GLN B 126 0.62 -34.54 -24.86
CA GLN B 126 -0.27 -35.69 -24.75
C GLN B 126 -0.37 -36.16 -23.30
N THR B 127 0.70 -36.05 -22.53
CA THR B 127 0.65 -36.36 -21.11
C THR B 127 -0.37 -35.48 -20.39
N PHE B 128 -0.27 -34.17 -20.60
CA PHE B 128 -1.21 -33.25 -19.98
C PHE B 128 -2.65 -33.58 -20.39
N ALA B 129 -2.86 -33.91 -21.66
CA ALA B 129 -4.20 -34.25 -22.12
C ALA B 129 -4.70 -35.53 -21.47
N ASP B 130 -3.85 -36.56 -21.37
CA ASP B 130 -4.22 -37.78 -20.68
C ASP B 130 -4.58 -37.52 -19.23
N TRP B 131 -3.83 -36.61 -18.58
CA TRP B 131 -4.10 -36.25 -17.19
C TRP B 131 -5.41 -35.49 -17.02
N GLY B 132 -5.95 -34.93 -18.10
CA GLY B 132 -7.12 -34.07 -18.00
C GLY B 132 -6.82 -32.60 -17.80
N VAL B 133 -5.60 -32.16 -18.12
CA VAL B 133 -5.26 -30.75 -18.00
C VAL B 133 -6.12 -29.91 -18.95
N ASP B 134 -6.56 -28.74 -18.47
CA ASP B 134 -7.39 -27.84 -19.24
C ASP B 134 -6.69 -26.53 -19.61
N LEU B 135 -5.52 -26.27 -19.05
CA LEU B 135 -4.78 -25.05 -19.32
C LEU B 135 -3.30 -25.32 -19.09
N LEU B 136 -2.46 -24.75 -19.94
CA LEU B 136 -1.02 -24.82 -19.78
C LEU B 136 -0.44 -23.41 -19.78
N LYS B 137 0.27 -23.07 -18.71
CA LYS B 137 1.11 -21.89 -18.66
C LYS B 137 2.53 -22.30 -19.04
N PHE B 138 3.10 -21.62 -20.03
CA PHE B 138 4.35 -22.07 -20.66
C PHE B 138 5.41 -20.99 -20.47
N ASP B 139 6.38 -21.27 -19.60
CA ASP B 139 7.42 -20.34 -19.19
C ASP B 139 8.60 -20.38 -20.16
N GLY B 140 9.49 -19.40 -20.05
CA GLY B 140 10.54 -19.25 -21.03
C GLY B 140 11.98 -19.34 -20.57
N CYS B 141 12.23 -19.89 -19.39
CA CYS B 141 13.60 -19.98 -18.90
C CYS B 141 14.39 -21.06 -19.65
N TYR B 142 15.72 -20.92 -19.59
CA TYR B 142 16.64 -21.96 -20.06
C TYR B 142 16.42 -22.29 -21.54
N CYS B 143 16.34 -21.25 -22.36
CA CYS B 143 16.19 -21.39 -23.79
C CYS B 143 17.34 -20.64 -24.46
N ASP B 144 18.19 -21.38 -25.18
CA ASP B 144 19.46 -20.84 -25.63
C ASP B 144 19.35 -19.88 -26.80
N SER B 145 18.21 -19.83 -27.49
CA SER B 145 18.10 -18.99 -28.67
C SER B 145 16.68 -18.48 -28.81
N LEU B 146 16.54 -17.30 -29.42
CA LEU B 146 15.22 -16.79 -29.75
C LEU B 146 14.51 -17.68 -30.76
N GLU B 147 15.29 -18.28 -31.67
CA GLU B 147 14.69 -19.21 -32.62
C GLU B 147 14.12 -20.41 -31.89
N ASN B 148 14.86 -20.95 -30.91
CA ASN B 148 14.33 -22.03 -30.10
C ASN B 148 13.13 -21.58 -29.28
N LEU B 149 13.15 -20.35 -28.78
CA LEU B 149 12.01 -19.82 -28.03
C LEU B 149 10.73 -19.84 -28.87
N ALA B 150 10.79 -19.18 -30.03
CA ALA B 150 9.63 -19.11 -30.92
C ALA B 150 9.21 -20.48 -31.39
N ASP B 151 10.17 -21.30 -31.85
CA ASP B 151 9.84 -22.63 -32.33
C ASP B 151 9.22 -23.48 -31.24
N GLY B 152 9.73 -23.40 -30.01
CA GLY B 152 9.14 -24.15 -28.92
C GLY B 152 7.73 -23.72 -28.62
N TYR B 153 7.48 -22.41 -28.57
CA TYR B 153 6.12 -21.95 -28.31
C TYR B 153 5.14 -22.40 -29.40
N LYS B 154 5.55 -22.26 -30.67
CA LYS B 154 4.68 -22.67 -31.76
C LYS B 154 4.47 -24.18 -31.76
N HIS B 155 5.55 -24.93 -31.51
CA HIS B 155 5.51 -26.38 -31.48
C HIS B 155 4.60 -26.88 -30.37
N MET B 156 4.70 -26.30 -29.18
CA MET B 156 3.84 -26.72 -28.09
C MET B 156 2.38 -26.38 -28.40
N SER B 157 2.13 -25.22 -29.02
CA SER B 157 0.79 -24.89 -29.47
C SER B 157 0.23 -25.99 -30.37
N LEU B 158 1.03 -26.40 -31.36
CA LEU B 158 0.56 -27.41 -32.30
C LEU B 158 0.37 -28.75 -31.60
N ALA B 159 1.31 -29.14 -30.74
CA ALA B 159 1.19 -30.41 -30.02
C ALA B 159 -0.06 -30.45 -29.16
N LEU B 160 -0.34 -29.36 -28.43
CA LEU B 160 -1.58 -29.29 -27.68
C LEU B 160 -2.78 -29.47 -28.60
N ASN B 161 -2.77 -28.80 -29.75
CA ASN B 161 -3.85 -29.01 -30.72
C ASN B 161 -3.99 -30.47 -31.11
N ARG B 162 -2.86 -31.17 -31.33
CA ARG B 162 -2.89 -32.53 -31.84
C ARG B 162 -3.51 -33.52 -30.86
N THR B 163 -3.47 -33.21 -29.57
CA THR B 163 -4.12 -34.08 -28.58
C THR B 163 -5.62 -34.15 -28.78
N GLY B 164 -6.21 -33.15 -29.43
CA GLY B 164 -7.64 -33.10 -29.56
C GLY B 164 -8.36 -32.59 -28.33
N ARG B 165 -7.66 -32.35 -27.24
CA ARG B 165 -8.28 -31.82 -26.03
C ARG B 165 -8.19 -30.31 -26.02
N SER B 166 -9.27 -29.65 -25.60
CA SER B 166 -9.30 -28.20 -25.46
C SER B 166 -8.44 -27.79 -24.28
N ILE B 167 -7.32 -27.11 -24.55
CA ILE B 167 -6.38 -26.67 -23.52
C ILE B 167 -6.03 -25.21 -23.76
N VAL B 168 -6.43 -24.33 -22.84
CA VAL B 168 -6.02 -22.93 -22.90
C VAL B 168 -4.51 -22.83 -22.82
N TYR B 169 -3.92 -22.04 -23.70
CA TYR B 169 -2.47 -21.95 -23.86
C TYR B 169 -2.01 -20.56 -23.48
N SER B 170 -1.32 -20.45 -22.35
CA SER B 170 -0.84 -19.18 -21.79
C SER B 170 0.67 -19.11 -21.98
N CYS B 171 1.14 -18.05 -22.64
CA CYS B 171 2.53 -17.97 -23.09
C CYS B 171 3.27 -16.82 -22.41
N GLU B 172 4.55 -17.03 -22.10
CA GLU B 172 5.40 -15.94 -21.63
C GLU B 172 6.37 -15.45 -22.70
N TRP B 173 6.21 -15.92 -23.93
CA TRP B 173 7.00 -15.63 -25.13
C TRP B 173 7.38 -14.15 -25.26
N PRO B 174 6.42 -13.21 -25.27
CA PRO B 174 6.81 -11.80 -25.46
C PRO B 174 7.75 -11.28 -24.39
N LEU B 175 7.47 -11.59 -23.12
CA LEU B 175 8.32 -11.14 -22.03
C LEU B 175 9.76 -11.60 -22.22
N TYR B 176 9.95 -12.86 -22.62
CA TYR B 176 11.29 -13.41 -22.81
C TYR B 176 11.93 -12.95 -24.11
N MET B 177 11.18 -12.33 -25.03
CA MET B 177 11.81 -11.76 -26.21
C MET B 177 12.39 -10.37 -25.93
N TRP B 178 11.77 -9.62 -25.04
CA TRP B 178 12.05 -8.19 -24.86
C TRP B 178 13.54 -7.83 -24.74
N PRO B 179 14.38 -8.54 -23.98
CA PRO B 179 15.80 -8.13 -23.89
C PRO B 179 16.50 -8.07 -25.24
N PHE B 180 16.05 -8.83 -26.22
CA PHE B 180 16.73 -8.93 -27.50
C PHE B 180 16.01 -8.21 -28.64
N GLN B 181 14.70 -8.40 -28.77
CA GLN B 181 13.99 -7.84 -29.90
C GLN B 181 12.52 -7.62 -29.56
N LYS B 182 11.93 -6.61 -30.18
CA LYS B 182 10.52 -6.34 -30.01
C LYS B 182 9.69 -7.51 -30.55
N PRO B 183 8.63 -7.91 -29.84
CA PRO B 183 7.83 -9.06 -30.29
C PRO B 183 6.92 -8.73 -31.46
N ASN B 184 6.62 -9.76 -32.25
CA ASN B 184 5.61 -9.68 -33.31
C ASN B 184 4.33 -10.26 -32.72
N TYR B 185 3.41 -9.37 -32.34
CA TYR B 185 2.22 -9.82 -31.63
C TYR B 185 1.21 -10.53 -32.53
N THR B 186 1.25 -10.29 -33.84
CA THR B 186 0.40 -11.06 -34.76
C THR B 186 0.71 -12.54 -34.69
N GLU B 187 2.00 -12.88 -34.73
CA GLU B 187 2.42 -14.28 -34.64
C GLU B 187 2.06 -14.88 -33.28
N ILE B 188 2.39 -14.17 -32.21
CA ILE B 188 2.11 -14.64 -30.87
C ILE B 188 0.62 -14.91 -30.69
N ARG B 189 -0.22 -13.96 -31.13
CA ARG B 189 -1.66 -14.16 -31.05
C ARG B 189 -2.10 -15.37 -31.86
N GLN B 190 -1.47 -15.58 -33.03
CA GLN B 190 -1.78 -16.77 -33.80
C GLN B 190 -1.56 -18.04 -32.99
N TYR B 191 -0.57 -18.05 -32.09
CA TYR B 191 -0.29 -19.29 -31.38
C TYR B 191 -0.76 -19.36 -29.93
N CYS B 192 -1.13 -18.24 -29.31
CA CYS B 192 -1.38 -18.22 -27.87
C CYS B 192 -2.74 -17.62 -27.52
N ASN B 193 -3.38 -18.17 -26.47
CA ASN B 193 -4.63 -17.60 -25.97
C ASN B 193 -4.40 -16.35 -25.13
N HIS B 194 -3.30 -16.28 -24.39
CA HIS B 194 -2.86 -15.00 -23.82
C HIS B 194 -1.36 -15.07 -23.55
N TRP B 195 -0.75 -13.89 -23.40
CA TRP B 195 0.69 -13.78 -23.36
C TRP B 195 1.11 -12.73 -22.33
N ARG B 196 2.11 -13.08 -21.52
CA ARG B 196 2.67 -12.15 -20.55
C ARG B 196 3.60 -11.18 -21.25
N ASN B 197 3.38 -9.87 -21.03
CA ASN B 197 4.20 -8.85 -21.67
C ASN B 197 5.28 -8.26 -20.78
N PHE B 198 5.03 -8.19 -19.47
CA PHE B 198 5.85 -7.36 -18.59
C PHE B 198 6.31 -8.19 -17.40
N ALA B 199 7.19 -7.58 -16.59
CA ALA B 199 7.80 -8.26 -15.45
C ALA B 199 6.73 -8.79 -14.47
N ASP B 200 7.12 -9.83 -13.73
CA ASP B 200 6.24 -10.43 -12.73
C ASP B 200 5.73 -9.38 -11.74
N ILE B 201 4.44 -9.46 -11.42
CA ILE B 201 3.86 -8.63 -10.38
C ILE B 201 4.34 -9.10 -9.00
N ASP B 202 4.42 -8.18 -8.05
CA ASP B 202 4.55 -8.60 -6.66
C ASP B 202 3.50 -7.89 -5.82
N ASP B 203 3.59 -8.01 -4.49
CA ASP B 203 2.54 -7.54 -3.60
C ASP B 203 2.82 -6.10 -3.19
N SER B 204 2.72 -5.20 -4.18
CA SER B 204 3.07 -3.81 -3.92
C SER B 204 2.37 -2.87 -4.89
N TRP B 205 2.07 -1.68 -4.39
CA TRP B 205 1.56 -0.62 -5.24
C TRP B 205 2.58 -0.23 -6.32
N LYS B 206 3.88 -0.25 -5.97
CA LYS B 206 4.91 0.02 -6.96
C LYS B 206 4.75 -0.87 -8.19
N SER B 207 4.48 -2.16 -7.96
CA SER B 207 4.33 -3.10 -9.06
C SER B 207 3.11 -2.75 -9.92
N ILE B 208 1.98 -2.41 -9.29
CA ILE B 208 0.79 -2.02 -10.03
C ILE B 208 1.08 -0.82 -10.92
N LYS B 209 1.71 0.21 -10.34
CA LYS B 209 2.05 1.40 -11.10
C LYS B 209 2.96 1.07 -12.27
N SER B 210 3.94 0.19 -12.06
CA SER B 210 4.87 -0.16 -13.13
C SER B 210 4.15 -0.85 -14.27
N ILE B 211 3.26 -1.78 -13.95
CA ILE B 211 2.51 -2.50 -14.98
C ILE B 211 1.63 -1.52 -15.76
N LEU B 212 0.90 -0.65 -15.04
CA LEU B 212 0.04 0.31 -15.73
C LEU B 212 0.85 1.25 -16.61
N ASP B 213 1.98 1.75 -16.11
CA ASP B 213 2.78 2.72 -16.86
C ASP B 213 3.41 2.07 -18.09
N TRP B 214 3.87 0.82 -17.96
CA TRP B 214 4.40 0.12 -19.13
C TRP B 214 3.31 -0.15 -20.15
N THR B 215 2.12 -0.54 -19.68
CA THR B 215 1.01 -0.80 -20.59
C THR B 215 0.62 0.46 -21.36
N SER B 216 0.43 1.57 -20.64
CA SER B 216 0.05 2.81 -21.32
C SER B 216 1.15 3.31 -22.23
N PHE B 217 2.42 3.17 -21.82
CA PHE B 217 3.52 3.61 -22.68
C PHE B 217 3.55 2.83 -23.98
N ASN B 218 3.19 1.54 -23.94
CA ASN B 218 3.28 0.67 -25.10
C ASN B 218 1.92 0.37 -25.73
N GLN B 219 0.90 1.17 -25.41
CA GLN B 219 -0.47 0.78 -25.75
C GLN B 219 -0.71 0.73 -27.25
N GLU B 220 -0.06 1.60 -28.02
CA GLU B 220 -0.24 1.58 -29.47
C GLU B 220 0.26 0.28 -30.09
N ARG B 221 1.17 -0.43 -29.42
CA ARG B 221 1.70 -1.68 -29.94
C ARG B 221 0.88 -2.90 -29.54
N ILE B 222 0.17 -2.87 -28.40
CA ILE B 222 -0.44 -4.09 -27.88
C ILE B 222 -1.96 -4.01 -27.79
N VAL B 223 -2.59 -2.84 -27.75
CA VAL B 223 -4.02 -2.79 -27.44
C VAL B 223 -4.84 -3.43 -28.55
N ASP B 224 -4.54 -3.11 -29.81
CA ASP B 224 -5.37 -3.59 -30.90
C ASP B 224 -5.16 -5.08 -31.18
N VAL B 225 -4.07 -5.67 -30.69
CA VAL B 225 -3.84 -7.10 -30.91
C VAL B 225 -4.83 -7.94 -30.11
N ALA B 226 -5.28 -7.42 -28.97
CA ALA B 226 -6.13 -8.19 -28.07
C ALA B 226 -7.54 -8.31 -28.62
N GLY B 227 -8.16 -9.44 -28.32
CA GLY B 227 -9.52 -9.71 -28.72
C GLY B 227 -9.85 -11.16 -28.42
N PRO B 228 -11.10 -11.57 -28.68
CA PRO B 228 -11.50 -12.95 -28.37
C PRO B 228 -10.52 -13.97 -28.93
N GLY B 229 -10.04 -14.84 -28.05
CA GLY B 229 -9.07 -15.86 -28.41
C GLY B 229 -7.63 -15.50 -28.07
N GLY B 230 -7.35 -14.23 -27.81
CA GLY B 230 -5.99 -13.80 -27.56
C GLY B 230 -5.90 -12.49 -26.79
N TRP B 231 -5.38 -12.54 -25.56
CA TRP B 231 -5.39 -11.39 -24.68
C TRP B 231 -3.99 -11.02 -24.19
N ASN B 232 -3.81 -9.73 -23.92
CA ASN B 232 -2.64 -9.29 -23.17
C ASN B 232 -2.77 -9.70 -21.71
N ASP B 233 -1.68 -10.23 -21.15
CA ASP B 233 -1.69 -10.67 -19.76
C ASP B 233 -0.77 -9.77 -18.93
N PRO B 234 -1.32 -8.85 -18.13
CA PRO B 234 -0.50 -8.00 -17.26
C PRO B 234 -0.17 -8.64 -15.91
N ASP B 235 -0.47 -9.93 -15.74
CA ASP B 235 -0.12 -10.81 -14.61
C ASP B 235 -1.22 -10.83 -13.55
N MET B 236 -0.97 -11.58 -12.47
CA MET B 236 -2.02 -12.01 -11.55
C MET B 236 -2.64 -10.84 -10.78
N LEU B 237 -3.89 -11.04 -10.36
CA LEU B 237 -4.51 -10.19 -9.35
C LEU B 237 -3.92 -10.51 -7.98
N VAL B 238 -3.53 -9.49 -7.24
CA VAL B 238 -2.96 -9.68 -5.92
C VAL B 238 -3.86 -9.08 -4.83
N ILE B 239 -5.12 -8.81 -5.20
CA ILE B 239 -6.11 -8.39 -4.21
C ILE B 239 -6.32 -9.51 -3.21
N GLY B 240 -6.42 -9.15 -1.94
CA GLY B 240 -6.61 -10.11 -0.88
C GLY B 240 -5.33 -10.50 -0.16
N ASN B 241 -4.19 -9.97 -0.56
CA ASN B 241 -2.91 -10.29 0.05
C ASN B 241 -2.55 -9.17 1.03
N PHE B 242 -1.36 -8.60 1.00
CA PHE B 242 -0.87 -7.80 2.13
C PHE B 242 -0.39 -6.40 1.77
N GLY B 243 -0.01 -6.14 0.53
CA GLY B 243 0.72 -4.93 0.21
C GLY B 243 -0.08 -3.78 -0.36
N LEU B 244 -1.33 -4.03 -0.76
CA LEU B 244 -2.16 -3.02 -1.40
C LEU B 244 -3.17 -2.48 -0.41
N SER B 245 -3.28 -1.15 -0.33
CA SER B 245 -4.39 -0.53 0.37
C SER B 245 -5.70 -0.84 -0.36
N TRP B 246 -6.82 -0.58 0.32
CA TRP B 246 -8.13 -0.79 -0.30
C TRP B 246 -8.26 -0.04 -1.62
N ASN B 247 -7.84 1.23 -1.66
CA ASN B 247 -7.93 2.00 -2.88
C ASN B 247 -7.01 1.47 -3.97
N GLN B 248 -5.84 0.94 -3.60
CA GLN B 248 -4.96 0.34 -4.58
C GLN B 248 -5.52 -0.98 -5.11
N GLN B 249 -6.21 -1.75 -4.26
CA GLN B 249 -6.91 -2.95 -4.72
C GLN B 249 -8.01 -2.59 -5.71
N VAL B 250 -8.79 -1.56 -5.38
CA VAL B 250 -9.79 -1.04 -6.31
C VAL B 250 -9.13 -0.66 -7.63
N THR B 251 -7.98 0.01 -7.59
CA THR B 251 -7.30 0.38 -8.83
C THR B 251 -6.94 -0.86 -9.65
N GLN B 252 -6.38 -1.90 -9.02
CA GLN B 252 -6.04 -3.09 -9.80
C GLN B 252 -7.28 -3.72 -10.43
N MET B 253 -8.35 -3.88 -9.65
CA MET B 253 -9.55 -4.53 -10.18
C MET B 253 -10.13 -3.73 -11.34
N ALA B 254 -10.28 -2.42 -11.16
CA ALA B 254 -10.83 -1.54 -12.20
C ALA B 254 -9.98 -1.59 -13.46
N LEU B 255 -8.66 -1.51 -13.32
CA LEU B 255 -7.82 -1.40 -14.51
C LEU B 255 -7.65 -2.74 -15.21
N TRP B 256 -7.66 -3.84 -14.46
CA TRP B 256 -7.67 -5.15 -15.12
C TRP B 256 -8.98 -5.37 -15.87
N ALA B 257 -10.08 -4.78 -15.40
CA ALA B 257 -11.31 -4.79 -16.20
C ALA B 257 -11.13 -3.95 -17.47
N ILE B 258 -10.58 -2.74 -17.33
CA ILE B 258 -10.34 -1.87 -18.47
C ILE B 258 -9.46 -2.57 -19.51
N MET B 259 -8.41 -3.26 -19.07
CA MET B 259 -7.41 -3.84 -19.98
C MET B 259 -7.82 -5.17 -20.58
N ALA B 260 -9.03 -5.67 -20.31
CA ALA B 260 -9.45 -6.98 -20.79
C ALA B 260 -8.41 -8.04 -20.45
N ALA B 261 -7.89 -7.96 -19.22
CA ALA B 261 -6.88 -8.85 -18.72
C ALA B 261 -7.50 -10.18 -18.28
N PRO B 262 -6.78 -11.30 -18.45
CA PRO B 262 -7.15 -12.50 -17.71
C PRO B 262 -7.16 -12.18 -16.23
N LEU B 263 -8.11 -12.77 -15.49
CA LEU B 263 -8.24 -12.50 -14.06
C LEU B 263 -7.81 -13.76 -13.31
N PHE B 264 -6.52 -13.89 -13.05
CA PHE B 264 -5.98 -15.00 -12.26
C PHE B 264 -5.64 -14.47 -10.87
N MET B 265 -6.51 -14.74 -9.91
CA MET B 265 -6.20 -14.40 -8.52
C MET B 265 -4.97 -15.18 -8.06
N SER B 266 -4.08 -14.52 -7.34
CA SER B 266 -3.00 -15.22 -6.64
C SER B 266 -3.05 -14.74 -5.19
N ASN B 267 -3.77 -15.49 -4.37
CA ASN B 267 -4.04 -15.13 -2.98
C ASN B 267 -4.32 -16.42 -2.22
N ASP B 268 -4.69 -16.31 -0.96
CA ASP B 268 -5.07 -17.47 -0.18
C ASP B 268 -6.55 -17.37 0.13
N LEU B 269 -7.37 -18.15 -0.59
CA LEU B 269 -8.81 -18.10 -0.42
C LEU B 269 -9.25 -18.59 0.95
N ARG B 270 -8.36 -19.23 1.73
CA ARG B 270 -8.69 -19.62 3.09
C ARG B 270 -8.58 -18.46 4.08
N HIS B 271 -7.87 -17.39 3.71
CA HIS B 271 -7.65 -16.23 4.58
C HIS B 271 -7.77 -14.98 3.70
N ILE B 272 -8.99 -14.50 3.52
CA ILE B 272 -9.23 -13.33 2.67
C ILE B 272 -10.32 -12.49 3.31
N SER B 273 -10.09 -11.17 3.35
CA SER B 273 -11.04 -10.27 3.98
C SER B 273 -12.36 -10.24 3.22
N PRO B 274 -13.47 -9.96 3.90
CA PRO B 274 -14.76 -9.81 3.19
C PRO B 274 -14.74 -8.69 2.16
N GLN B 275 -14.02 -7.59 2.42
CA GLN B 275 -13.93 -6.50 1.46
C GLN B 275 -13.21 -6.93 0.19
N ALA B 276 -12.06 -7.60 0.35
CA ALA B 276 -11.33 -8.10 -0.82
C ALA B 276 -12.19 -9.08 -1.60
N LYS B 277 -12.91 -9.95 -0.89
CA LYS B 277 -13.77 -10.92 -1.55
C LYS B 277 -14.86 -10.25 -2.37
N ALA B 278 -15.53 -9.25 -1.77
CA ALA B 278 -16.59 -8.55 -2.47
C ALA B 278 -16.05 -7.81 -3.69
N LEU B 279 -14.84 -7.24 -3.59
CA LEU B 279 -14.25 -6.59 -4.76
C LEU B 279 -13.95 -7.59 -5.86
N LEU B 280 -13.30 -8.70 -5.52
CA LEU B 280 -12.93 -9.70 -6.52
C LEU B 280 -14.16 -10.38 -7.13
N GLN B 281 -15.26 -10.44 -6.39
CA GLN B 281 -16.49 -11.04 -6.88
C GLN B 281 -17.50 -10.02 -7.38
N ASP B 282 -17.08 -8.76 -7.57
CA ASP B 282 -17.94 -7.69 -8.05
C ASP B 282 -18.49 -8.00 -9.43
N LYS B 283 -19.79 -8.33 -9.50
CA LYS B 283 -20.41 -8.81 -10.73
C LYS B 283 -20.36 -7.78 -11.85
N ASP B 284 -20.59 -6.51 -11.54
CA ASP B 284 -20.59 -5.46 -12.58
C ASP B 284 -19.19 -5.27 -13.17
N VAL B 285 -18.16 -5.32 -12.33
CA VAL B 285 -16.80 -5.10 -12.82
C VAL B 285 -16.33 -6.32 -13.60
N ILE B 286 -16.63 -7.53 -13.11
CA ILE B 286 -16.34 -8.74 -13.87
C ILE B 286 -17.04 -8.69 -15.22
N ALA B 287 -18.29 -8.20 -15.25
CA ALA B 287 -19.02 -8.08 -16.51
C ALA B 287 -18.29 -7.15 -17.48
N ILE B 288 -17.67 -6.08 -16.96
CA ILE B 288 -16.85 -5.24 -17.83
C ILE B 288 -15.66 -6.03 -18.37
N ASN B 289 -14.91 -6.68 -17.47
CA ASN B 289 -13.77 -7.47 -17.93
C ASN B 289 -14.19 -8.50 -18.98
N GLN B 290 -15.34 -9.14 -18.78
CA GLN B 290 -15.81 -10.23 -19.63
C GLN B 290 -16.70 -9.74 -20.78
N ASP B 291 -16.68 -8.44 -21.08
CA ASP B 291 -17.54 -7.89 -22.11
C ASP B 291 -17.37 -8.65 -23.43
N PRO B 292 -18.46 -9.13 -24.04
CA PRO B 292 -18.32 -9.99 -25.23
C PRO B 292 -17.66 -9.30 -26.43
N LEU B 293 -17.72 -7.97 -26.54
CA LEU B 293 -17.04 -7.30 -27.64
C LEU B 293 -15.53 -7.57 -27.61
N GLY B 294 -14.96 -7.68 -26.41
CA GLY B 294 -13.57 -8.08 -26.30
C GLY B 294 -12.57 -7.10 -26.88
N LYS B 295 -12.85 -5.80 -26.83
CA LYS B 295 -11.90 -4.77 -27.24
C LYS B 295 -11.21 -4.24 -25.99
N GLN B 296 -9.89 -4.35 -25.95
CA GLN B 296 -9.13 -3.85 -24.81
C GLN B 296 -9.20 -2.33 -24.72
N GLY B 297 -9.31 -1.82 -23.49
CA GLY B 297 -9.28 -0.40 -23.23
C GLY B 297 -7.88 0.19 -23.31
N TYR B 298 -7.79 1.48 -22.98
CA TYR B 298 -6.55 2.23 -23.19
C TYR B 298 -6.57 3.47 -22.30
N GLN B 299 -5.40 4.10 -22.18
CA GLN B 299 -5.28 5.37 -21.48
C GLN B 299 -5.68 6.50 -22.43
N LEU B 300 -6.70 7.26 -22.04
CA LEU B 300 -7.17 8.39 -22.84
C LEU B 300 -6.39 9.66 -22.52
N ARG B 301 -6.14 9.92 -21.25
CA ARG B 301 -5.45 11.14 -20.84
C ARG B 301 -4.53 10.86 -19.67
N GLN B 302 -3.49 11.68 -19.56
CA GLN B 302 -2.62 11.66 -18.39
C GLN B 302 -2.10 13.06 -18.14
N GLY B 303 -2.13 13.49 -16.88
CA GLY B 303 -1.66 14.82 -16.53
C GLY B 303 -2.09 15.28 -15.15
N ASP B 304 -1.27 16.13 -14.52
CA ASP B 304 -1.57 16.65 -13.17
C ASP B 304 -1.78 15.53 -12.17
N ASN B 305 -0.99 14.46 -12.33
CA ASN B 305 -1.08 13.26 -11.48
C ASN B 305 -2.47 12.63 -11.53
N PHE B 306 -3.16 12.77 -12.66
CA PHE B 306 -4.40 12.06 -12.97
C PHE B 306 -4.18 11.20 -14.21
N GLU B 307 -4.94 10.11 -14.28
CA GLU B 307 -5.04 9.33 -15.50
C GLU B 307 -6.50 9.04 -15.81
N VAL B 308 -6.87 9.10 -17.09
CA VAL B 308 -8.18 8.68 -17.55
C VAL B 308 -7.99 7.56 -18.56
N TRP B 309 -8.56 6.41 -18.26
CA TRP B 309 -8.61 5.25 -19.13
C TRP B 309 -10.06 4.98 -19.53
N GLU B 310 -10.25 4.33 -20.67
CA GLU B 310 -11.60 3.95 -21.07
C GLU B 310 -11.54 2.68 -21.90
N ARG B 311 -12.66 1.98 -21.95
CA ARG B 311 -12.80 0.72 -22.67
C ARG B 311 -14.15 0.70 -23.38
N PRO B 312 -14.17 0.47 -24.69
CA PRO B 312 -15.45 0.31 -25.38
C PRO B 312 -16.07 -1.03 -25.05
N LEU B 313 -17.38 -1.03 -24.82
CA LEU B 313 -18.13 -2.22 -24.47
C LEU B 313 -19.20 -2.49 -25.52
N SER B 314 -19.79 -3.67 -25.43
CA SER B 314 -20.88 -4.03 -26.35
C SER B 314 -22.03 -3.04 -26.24
N GLY B 315 -22.67 -2.77 -27.37
CA GLY B 315 -23.89 -1.99 -27.38
C GLY B 315 -23.73 -0.52 -27.06
N LEU B 316 -22.65 0.10 -27.53
CA LEU B 316 -22.43 1.54 -27.42
C LEU B 316 -22.19 1.99 -25.99
N ALA B 317 -21.85 1.07 -25.08
CA ALA B 317 -21.50 1.42 -23.71
C ALA B 317 -19.99 1.53 -23.57
N TRP B 318 -19.56 2.24 -22.53
CA TRP B 318 -18.14 2.42 -22.24
C TRP B 318 -17.89 2.30 -20.75
N ALA B 319 -16.71 1.81 -20.40
CA ALA B 319 -16.22 1.90 -19.04
C ALA B 319 -15.15 2.98 -18.99
N VAL B 320 -15.15 3.79 -17.94
CA VAL B 320 -14.22 4.89 -17.79
C VAL B 320 -13.61 4.81 -16.40
N ALA B 321 -12.28 4.85 -16.32
CA ALA B 321 -11.57 4.78 -15.05
C ALA B 321 -10.75 6.05 -14.88
N MET B 322 -10.85 6.66 -13.71
CA MET B 322 -10.07 7.85 -13.36
C MET B 322 -9.20 7.51 -12.17
N ILE B 323 -7.88 7.63 -12.34
CA ILE B 323 -6.90 7.29 -11.33
C ILE B 323 -6.28 8.57 -10.80
N ASN B 324 -6.15 8.66 -9.47
CA ASN B 324 -5.44 9.75 -8.82
C ASN B 324 -4.07 9.21 -8.41
N ARG B 325 -3.02 9.65 -9.12
CA ARG B 325 -1.66 9.21 -8.84
C ARG B 325 -0.92 10.08 -7.84
N GLN B 326 -1.56 11.10 -7.28
CA GLN B 326 -0.94 11.91 -6.24
C GLN B 326 -1.04 11.14 -4.91
N GLU B 327 0.10 10.86 -4.29
CA GLU B 327 0.15 10.00 -3.11
C GLU B 327 0.30 10.80 -1.83
N ILE B 328 -0.45 11.90 -1.73
CA ILE B 328 -0.46 12.76 -0.56
C ILE B 328 -1.78 13.52 -0.61
N GLY B 329 -2.25 13.96 0.55
CA GLY B 329 -3.46 14.76 0.58
C GLY B 329 -4.73 13.92 0.60
N GLY B 330 -5.79 14.49 0.05
CA GLY B 330 -7.10 13.86 0.08
C GLY B 330 -7.67 13.65 -1.30
N PRO B 331 -8.94 13.27 -1.37
CA PRO B 331 -9.60 13.05 -2.67
C PRO B 331 -9.51 14.31 -3.52
N ARG B 332 -9.14 14.15 -4.79
CA ARG B 332 -8.96 15.28 -5.68
C ARG B 332 -10.06 15.34 -6.72
N SER B 333 -10.50 16.55 -7.02
CA SER B 333 -11.57 16.77 -7.98
C SER B 333 -11.04 16.64 -9.41
N TYR B 334 -11.82 15.95 -10.25
CA TYR B 334 -11.54 15.86 -11.68
C TYR B 334 -12.84 16.09 -12.43
N THR B 335 -12.80 16.98 -13.43
CA THR B 335 -13.96 17.27 -14.27
C THR B 335 -13.62 17.03 -15.73
N ILE B 336 -14.55 16.45 -16.47
CA ILE B 336 -14.32 16.17 -17.89
C ILE B 336 -15.64 16.27 -18.64
N ALA B 337 -15.58 16.89 -19.83
CA ALA B 337 -16.75 16.91 -20.71
C ALA B 337 -17.08 15.48 -21.14
N VAL B 338 -18.34 15.09 -20.99
CA VAL B 338 -18.72 13.74 -21.36
C VAL B 338 -18.56 13.53 -22.87
N ALA B 339 -18.57 14.61 -23.66
CA ALA B 339 -18.31 14.49 -25.09
C ALA B 339 -16.89 14.02 -25.38
N SER B 340 -15.96 14.21 -24.45
CA SER B 340 -14.60 13.73 -24.63
C SER B 340 -14.46 12.24 -24.35
N LEU B 341 -15.48 11.61 -23.77
CA LEU B 341 -15.41 10.21 -23.39
C LEU B 341 -16.03 9.33 -24.46
N GLY B 342 -15.55 8.10 -24.52
CA GLY B 342 -16.11 7.12 -25.46
C GLY B 342 -16.13 7.61 -26.90
N LYS B 343 -15.09 8.33 -27.31
CA LYS B 343 -14.93 8.84 -28.68
C LYS B 343 -16.08 9.74 -29.09
N GLY B 344 -16.79 10.34 -28.13
CA GLY B 344 -17.91 11.18 -28.49
C GLY B 344 -19.18 10.41 -28.78
N VAL B 345 -19.18 9.09 -28.58
CA VAL B 345 -20.32 8.26 -28.94
C VAL B 345 -21.09 7.85 -27.70
N ALA B 346 -20.37 7.69 -26.58
CA ALA B 346 -20.99 7.14 -25.38
C ALA B 346 -22.21 7.95 -24.96
N CYS B 347 -22.13 9.27 -25.06
CA CYS B 347 -23.17 10.14 -24.52
C CYS B 347 -23.84 10.95 -25.62
N ASN B 348 -23.90 10.39 -26.83
CA ASN B 348 -24.60 11.00 -27.96
C ASN B 348 -25.86 10.21 -28.25
N PRO B 349 -27.07 10.76 -28.01
CA PRO B 349 -27.31 12.12 -27.53
C PRO B 349 -27.23 12.26 -26.01
N ALA B 350 -27.30 11.14 -25.28
CA ALA B 350 -27.10 11.19 -23.84
C ALA B 350 -26.57 9.86 -23.38
N CYS B 351 -26.13 9.81 -22.12
CA CYS B 351 -25.71 8.56 -21.51
C CYS B 351 -26.19 8.56 -20.06
N PHE B 352 -26.55 7.37 -19.58
CA PHE B 352 -26.76 7.17 -18.16
C PHE B 352 -25.46 6.64 -17.56
N ILE B 353 -25.00 7.31 -16.49
CA ILE B 353 -23.71 7.01 -15.90
C ILE B 353 -23.93 6.36 -14.54
N THR B 354 -23.28 5.22 -14.34
CA THR B 354 -23.32 4.50 -13.08
C THR B 354 -21.90 4.35 -12.55
N GLN B 355 -21.63 4.91 -11.39
CA GLN B 355 -20.37 4.62 -10.71
C GLN B 355 -20.42 3.20 -10.16
N LEU B 356 -19.37 2.43 -10.41
CA LEU B 356 -19.24 1.07 -9.92
C LEU B 356 -18.22 0.95 -8.80
N LEU B 357 -17.14 1.71 -8.85
CA LEU B 357 -16.09 1.70 -7.85
C LEU B 357 -15.70 3.13 -7.49
N PRO B 358 -15.32 3.39 -6.23
CA PRO B 358 -15.15 2.42 -5.14
C PRO B 358 -16.47 1.93 -4.54
N VAL B 359 -17.56 2.66 -4.81
CA VAL B 359 -18.90 2.27 -4.38
C VAL B 359 -19.82 2.41 -5.58
N LYS B 360 -20.89 1.61 -5.59
CA LYS B 360 -21.86 1.61 -6.66
C LYS B 360 -22.92 2.68 -6.40
N ARG B 361 -23.11 3.59 -7.36
CA ARG B 361 -24.13 4.63 -7.23
C ARG B 361 -24.50 5.14 -8.61
N LYS B 362 -25.79 5.14 -8.91
CA LYS B 362 -26.28 5.73 -10.14
C LYS B 362 -26.08 7.25 -10.10
N LEU B 363 -25.42 7.81 -11.11
CA LEU B 363 -25.15 9.25 -11.18
C LEU B 363 -26.20 10.01 -11.99
N GLY B 364 -26.90 9.36 -12.89
CA GLY B 364 -27.99 9.99 -13.63
C GLY B 364 -27.71 10.12 -15.11
N PHE B 365 -28.55 10.92 -15.77
CA PHE B 365 -28.48 11.15 -17.21
C PHE B 365 -27.58 12.34 -17.50
N TYR B 366 -26.68 12.17 -18.47
CA TYR B 366 -25.77 13.24 -18.88
C TYR B 366 -25.94 13.46 -20.38
N GLU B 367 -26.30 14.68 -20.77
CA GLU B 367 -26.40 15.02 -22.18
C GLU B 367 -25.02 15.17 -22.79
N TRP B 368 -24.97 15.15 -24.12
CA TRP B 368 -23.70 15.18 -24.82
C TRP B 368 -22.88 16.42 -24.48
N THR B 369 -23.54 17.51 -24.10
CA THR B 369 -22.88 18.76 -23.77
C THR B 369 -22.47 18.87 -22.31
N SER B 370 -22.87 17.92 -21.47
CA SER B 370 -22.70 18.02 -20.02
C SER B 370 -21.26 17.75 -19.60
N ARG B 371 -20.98 18.02 -18.33
CA ARG B 371 -19.69 17.73 -17.71
C ARG B 371 -19.88 16.80 -16.52
N LEU B 372 -18.97 15.83 -16.41
CA LEU B 372 -18.93 14.89 -15.31
C LEU B 372 -17.87 15.34 -14.32
N ARG B 373 -18.25 15.46 -13.05
CA ARG B 373 -17.33 15.83 -11.99
C ARG B 373 -17.25 14.69 -10.98
N SER B 374 -16.03 14.33 -10.59
CA SER B 374 -15.80 13.25 -9.63
C SER B 374 -14.68 13.64 -8.68
N HIS B 375 -14.61 12.95 -7.56
CA HIS B 375 -13.49 13.05 -6.62
C HIS B 375 -12.82 11.68 -6.49
N ILE B 376 -11.50 11.63 -6.65
CA ILE B 376 -10.77 10.37 -6.66
C ILE B 376 -9.78 10.33 -5.50
N ASN B 377 -9.82 9.25 -4.73
CA ASN B 377 -8.90 9.07 -3.61
C ASN B 377 -7.46 8.91 -4.09
N PRO B 378 -6.48 9.35 -3.29
CA PRO B 378 -5.07 9.08 -3.61
C PRO B 378 -4.80 7.59 -3.77
N THR B 379 -4.19 7.25 -4.92
CA THR B 379 -3.87 5.90 -5.40
C THR B 379 -5.11 5.08 -5.70
N GLY B 380 -6.30 5.68 -5.61
CA GLY B 380 -7.53 5.00 -5.92
C GLY B 380 -8.00 5.29 -7.33
N THR B 381 -9.08 4.61 -7.71
CA THR B 381 -9.69 4.75 -9.02
C THR B 381 -11.20 4.89 -8.87
N VAL B 382 -11.79 5.76 -9.66
CA VAL B 382 -13.24 5.80 -9.82
C VAL B 382 -13.55 5.11 -11.15
N LEU B 383 -14.36 4.06 -11.11
CA LEU B 383 -14.76 3.35 -12.30
C LEU B 383 -16.23 3.62 -12.59
N LEU B 384 -16.54 4.01 -13.82
CA LEU B 384 -17.88 4.35 -14.22
C LEU B 384 -18.25 3.52 -15.44
N GLN B 385 -19.55 3.26 -15.58
CA GLN B 385 -20.10 2.68 -16.79
C GLN B 385 -21.07 3.67 -17.40
N LEU B 386 -20.90 3.93 -18.69
CA LEU B 386 -21.71 4.88 -19.44
C LEU B 386 -22.54 4.06 -20.42
N GLU B 387 -23.85 4.24 -20.36
CA GLU B 387 -24.79 3.56 -21.26
C GLU B 387 -25.42 4.59 -22.16
N ASN B 388 -25.21 4.44 -23.47
CA ASN B 388 -25.79 5.34 -24.45
C ASN B 388 -27.32 5.28 -24.43
N THR B 389 -27.96 6.44 -24.53
CA THR B 389 -29.42 6.49 -24.47
C THR B 389 -29.94 7.74 -25.15
N MET B 390 -31.18 7.62 -25.63
CA MET B 390 -31.97 8.74 -26.16
C MET B 390 -33.00 9.23 -25.17
N GLN B 391 -33.07 8.65 -23.96
CA GLN B 391 -34.21 8.88 -23.09
C GLN B 391 -34.18 10.28 -22.48
N MET B 392 -33.02 10.69 -21.95
CA MET B 392 -32.82 12.08 -21.49
C MET B 392 -31.38 12.35 -21.08
C1 NAG C . 12.17 28.34 30.91
C2 NAG C . 10.99 27.43 31.26
C3 NAG C . 11.18 26.83 32.66
C4 NAG C . 12.58 26.27 32.85
C5 NAG C . 13.64 27.26 32.39
C6 NAG C . 15.05 26.70 32.44
C7 NAG C . 8.86 28.02 30.19
C8 NAG C . 7.60 28.84 30.31
N2 NAG C . 9.73 28.15 31.20
O3 NAG C . 10.21 25.80 32.86
O4 NAG C . 12.82 25.99 34.23
O5 NAG C . 13.38 27.64 31.04
O6 NAG C . 15.30 25.77 31.40
O7 NAG C . 9.07 27.28 29.24
C1 NAG C . 12.88 24.57 34.41
C2 NAG C . 13.72 24.29 35.65
C3 NAG C . 13.75 22.80 35.95
C4 NAG C . 12.32 22.26 36.04
C5 NAG C . 11.57 22.59 34.77
C6 NAG C . 10.12 22.16 34.80
C7 NAG C . 15.46 26.00 35.93
C8 NAG C . 16.89 26.37 35.67
N2 NAG C . 15.07 24.81 35.48
O3 NAG C . 14.43 22.59 37.17
O4 NAG C . 12.36 20.85 36.24
O5 NAG C . 11.57 24.02 34.57
O6 NAG C . 9.27 23.20 35.25
O7 NAG C . 14.71 26.75 36.54
C1 BMA C . 11.72 20.62 37.50
C2 BMA C . 11.22 19.17 37.55
C3 BMA C . 10.53 18.95 38.89
C4 BMA C . 11.46 19.37 40.06
C5 BMA C . 12.01 20.80 39.85
C6 BMA C . 13.04 21.22 40.90
O2 BMA C . 12.31 18.26 37.50
O3 BMA C . 10.11 17.61 39.06
O4 BMA C . 10.74 19.30 41.29
O5 BMA C . 12.63 20.86 38.57
O6 BMA C . 12.34 21.72 42.02
C1 MAN C . 8.95 17.35 38.25
C2 MAN C . 7.70 17.60 39.13
C3 MAN C . 6.84 16.32 39.29
C4 MAN C . 7.67 15.02 39.53
C5 MAN C . 9.07 15.11 38.90
C6 MAN C . 9.58 13.79 38.37
O2 MAN C . 6.84 18.57 38.54
O3 MAN C . 5.93 16.14 38.20
O4 MAN C . 7.79 14.77 40.93
O5 MAN C . 9.01 16.03 37.82
O6 MAN C . 10.83 14.04 37.71
C1 NAG D . 27.26 20.19 20.80
C2 NAG D . 28.76 20.23 21.05
C3 NAG D . 29.05 20.12 22.56
C4 NAG D . 28.22 21.10 23.37
C5 NAG D . 26.74 21.05 22.96
C6 NAG D . 25.91 22.15 23.58
C7 NAG D . 30.11 19.39 19.18
C8 NAG D . 30.76 18.18 18.58
N2 NAG D . 29.46 19.18 20.33
O3 NAG D . 30.44 20.36 22.79
O4 NAG D . 28.30 20.74 24.74
O5 NAG D . 26.62 21.20 21.53
O6 NAG D . 25.88 23.31 22.76
O7 NAG D . 30.17 20.50 18.66
C1 NAG D . 28.76 21.85 25.56
C2 NAG D . 28.52 21.46 27.03
C3 NAG D . 29.07 22.55 27.95
C4 NAG D . 30.52 22.87 27.61
C5 NAG D . 30.65 23.19 26.12
C6 NAG D . 32.08 23.40 25.69
C7 NAG D . 26.60 20.03 27.56
C8 NAG D . 25.11 20.00 27.79
N2 NAG D . 27.11 21.24 27.28
O3 NAG D . 28.98 22.10 29.31
O4 NAG D . 30.96 24.00 28.37
O5 NAG D . 30.14 22.10 25.35
O6 NAG D . 32.15 23.77 24.32
O7 NAG D . 27.28 19.03 27.62
C1 NAG E . 19.14 -27.74 -24.25
C2 NAG E . 18.99 -26.75 -25.40
C3 NAG E . 19.51 -27.36 -26.70
C4 NAG E . 20.95 -27.84 -26.52
C5 NAG E . 21.04 -28.80 -25.33
C6 NAG E . 22.45 -29.25 -25.02
C7 NAG E . 17.20 -25.07 -25.41
C8 NAG E . 15.74 -24.81 -25.63
N2 NAG E . 17.61 -26.33 -25.57
O3 NAG E . 19.43 -26.43 -27.76
O4 NAG E . 21.41 -28.47 -27.70
O5 NAG E . 20.54 -28.16 -24.14
O6 NAG E . 23.30 -28.15 -24.71
O7 NAG E . 17.98 -24.16 -25.11
C1 NAG E . 22.51 -27.67 -28.20
C2 NAG E . 23.41 -28.56 -29.06
C3 NAG E . 24.58 -27.75 -29.62
C4 NAG E . 24.11 -26.43 -30.24
C5 NAG E . 23.13 -25.70 -29.33
C6 NAG E . 22.50 -24.49 -30.00
C7 NAG E . 23.28 -30.89 -28.31
C8 NAG E . 23.91 -31.96 -27.45
N2 NAG E . 23.89 -29.70 -28.29
O3 NAG E . 25.27 -28.53 -30.59
O4 NAG E . 25.23 -25.59 -30.47
O5 NAG E . 22.05 -26.56 -28.97
O6 NAG E . 21.13 -24.36 -29.65
O7 NAG E . 22.28 -31.11 -28.98
C1 NAG F . -6.89 -27.19 -33.57
C2 NAG F . -8.10 -26.96 -32.67
C3 NAG F . -9.35 -26.69 -33.51
C4 NAG F . -9.10 -25.56 -34.49
C5 NAG F . -7.86 -25.89 -35.33
C6 NAG F . -7.45 -24.80 -36.30
C7 NAG F . -8.10 -28.09 -30.49
C8 NAG F . -8.40 -29.36 -29.75
N2 NAG F . -8.33 -28.12 -31.81
O3 NAG F . -10.43 -26.35 -32.65
O4 NAG F . -10.25 -25.41 -35.31
O5 NAG F . -6.74 -26.09 -34.47
O6 NAG F . -6.05 -24.58 -36.29
O7 NAG F . -7.67 -27.09 -29.92
C1 NAG F . -10.53 -24.02 -35.59
C2 NAG F . -11.39 -23.97 -36.86
C3 NAG F . -12.42 -22.87 -36.77
C4 NAG F . -13.39 -23.16 -35.64
C5 NAG F . -12.65 -23.35 -34.33
C6 NAG F . -12.95 -24.67 -33.64
C7 NAG F . -10.13 -24.76 -38.83
C8 NAG F . -10.61 -26.14 -38.48
N2 NAG F . -10.54 -23.78 -38.03
O3 NAG F . -13.13 -22.80 -38.00
O4 NAG F . -14.22 -22.01 -35.47
O5 NAG F . -11.22 -23.27 -34.49
O6 NAG F . -13.93 -24.49 -32.63
O7 NAG F . -9.41 -24.55 -39.80
C1 BMA F . -15.58 -22.30 -35.74
C2 BMA F . -16.31 -21.23 -34.99
C3 BMA F . -17.80 -21.30 -35.25
C4 BMA F . -18.10 -21.35 -36.76
C5 BMA F . -17.23 -22.42 -37.49
C6 BMA F . -17.29 -22.31 -39.01
O2 BMA F . -15.89 -19.95 -35.46
O3 BMA F . -18.43 -20.16 -34.67
O4 BMA F . -19.47 -21.67 -36.96
O5 BMA F . -15.85 -22.24 -37.12
O6 BMA F . -18.64 -22.44 -39.42
C1 MAN F . -18.93 -20.42 -33.35
C2 MAN F . -19.97 -19.35 -33.08
C3 MAN F . -19.29 -17.99 -33.16
C4 MAN F . -18.05 -17.89 -32.23
C5 MAN F . -17.13 -19.13 -32.31
C6 MAN F . -16.19 -19.25 -31.12
O2 MAN F . -20.50 -19.44 -31.75
O3 MAN F . -20.20 -16.93 -32.87
O4 MAN F . -17.28 -16.75 -32.61
O5 MAN F . -17.92 -20.36 -32.37
O6 MAN F . -14.91 -19.68 -31.58
C1 NAG G . 15.58 37.78 4.99
C2 NAG G . 16.88 37.08 5.37
C3 NAG G . 17.96 38.10 5.70
C4 NAG G . 18.13 39.08 4.55
C5 NAG G . 16.79 39.73 4.22
C6 NAG G . 16.84 40.66 3.02
C7 NAG G . 16.85 34.86 6.41
C8 NAG G . 16.62 34.08 7.67
N2 NAG G . 16.69 36.18 6.50
O3 NAG G . 19.19 37.44 5.98
O4 NAG G . 19.07 40.10 4.89
O5 NAG G . 15.83 38.70 3.90
O6 NAG G . 16.95 39.93 1.80
O7 NAG G . 17.17 34.30 5.36
CAA VO0 H . 5.23 22.06 5.34
CAB VO0 H . 5.05 21.04 6.43
CAC VO0 H . 6.31 20.22 6.31
CAD VO0 H . 7.36 21.29 6.07
CAF VO0 H . 4.50 23.36 5.67
CAJ VO0 H . 8.60 20.72 5.34
CAL VO0 H . 7.03 22.18 3.81
NAE VO0 H . 6.68 22.29 5.23
NAK VO0 H . 9.39 19.83 6.20
OAG VO0 H . 5.03 21.71 7.70
OAH VO0 H . 6.55 19.52 7.53
OAI VO0 H . 4.58 24.24 4.54
S SO4 I . 19.81 -16.27 17.03
O1 SO4 I . 18.89 -17.39 17.22
O2 SO4 I . 19.77 -15.86 15.63
O3 SO4 I . 21.17 -16.70 17.37
O4 SO4 I . 19.43 -15.16 17.89
S SO4 J . 17.31 18.94 28.39
O1 SO4 J . 15.94 18.64 27.96
O2 SO4 J . 17.86 20.01 27.57
O3 SO4 J . 17.27 19.38 29.79
O4 SO4 J . 18.14 17.75 28.27
S SO4 K . 5.46 1.41 -2.60
O1 SO4 K . 4.68 0.29 -3.12
O2 SO4 K . 4.61 2.55 -2.25
O3 SO4 K . 6.15 0.94 -1.39
O4 SO4 K . 6.45 1.81 -3.59
C1 NAG L . 4.35 -11.13 -37.89
C2 NAG L . 4.77 -10.46 -39.19
C3 NAG L . 3.68 -10.62 -40.25
C4 NAG L . 3.29 -12.09 -40.41
C5 NAG L . 2.94 -12.69 -39.04
C6 NAG L . 2.69 -14.18 -39.12
C7 NAG L . 6.32 -8.56 -39.05
C8 NAG L . 6.44 -7.08 -38.82
N2 NAG L . 5.08 -9.05 -38.99
O3 NAG L . 4.14 -10.11 -41.50
O4 NAG L . 2.17 -12.20 -41.27
O5 NAG L . 4.04 -12.51 -38.13
O6 NAG L . 3.89 -14.92 -39.33
O7 NAG L . 7.29 -9.27 -39.28
CAA VO0 M . 7.74 -18.21 -12.56
CAB VO0 M . 6.36 -17.65 -12.79
CAC VO0 M . 6.65 -16.38 -13.56
CAD VO0 M . 7.80 -16.77 -14.46
CAF VO0 M . 7.71 -19.72 -12.44
CAJ VO0 M . 8.67 -15.56 -14.82
CAL VO0 M . 9.82 -17.27 -13.17
NAE VO0 M . 8.56 -17.80 -13.71
NAK VO0 M . 7.96 -14.64 -15.73
OAG VO0 M . 5.63 -18.56 -13.62
OAH VO0 M . 5.50 -15.99 -14.33
OAI VO0 M . 8.97 -20.19 -11.95
S SO4 N . -12.43 18.53 -21.02
O1 SO4 N . -13.42 17.47 -21.17
O2 SO4 N . -13.04 19.82 -21.32
O3 SO4 N . -11.95 18.55 -19.63
O4 SO4 N . -11.31 18.29 -21.92
S SO4 O . -6.51 -15.93 -33.74
O1 SO4 O . -6.38 -17.00 -34.74
O2 SO4 O . -6.68 -14.65 -34.42
O3 SO4 O . -7.67 -16.20 -32.88
O4 SO4 O . -5.31 -15.90 -32.92
C1 GOL P . 0.23 -18.85 2.76
O1 GOL P . 0.71 -17.66 2.21
C2 GOL P . -0.40 -18.54 4.15
O2 GOL P . -1.63 -17.91 4.03
C3 GOL P . -0.53 -19.92 4.84
O3 GOL P . -1.08 -19.70 6.11
#